data_7P98
#
_entry.id   7P98
#
_cell.length_a   76.320
_cell.length_b   172.200
_cell.length_c   331.460
_cell.angle_alpha   90.000
_cell.angle_beta   90.000
_cell.angle_gamma   90.000
#
_symmetry.space_group_name_H-M   'F 2 2 2'
#
loop_
_entity.id
_entity.type
_entity.pdbx_description
1 polymer 'Short-chain acyl-CoA dehydrogenase'
2 non-polymer 'FLAVIN-ADENINE DINUCLEOTIDE'
3 non-polymer GLYCEROL
4 water water
#
_entity_poly.entity_id   1
_entity_poly.type   'polypeptide(L)'
_entity_poly.pdbx_seq_one_letter_code
;MKHLTEEQKLTLDMVRDVATREIAPRALELDEKSLFPEYARDLFAKLGLLNPLLPAAYGGTEMGVLTLALILEELGRVCA
STALLLIAQTDGMLPIIHGGSPELKERYLRRFAGESTLLTALAATEPAAGSDLLAMKTRAVRQGDKYVINGQKCFITNGS
VADVIVVYAYTDPEKGSKGISAFVVEKGTPGLVYGRNESKMGMRGSINSELFFENMEVPAENIIGAEGTGFANLMQTLST
NRVFCAAQAVGIAQGALDIAVRHTQDRVQFGKPIAHLAPVQFMVADMATAVEASRLLTRKAAELLDDGDKKAVLYGSMAK
TMASDTAMRVTTDAVQVLGGSGYMKENGVERMMRDAKLTQIYTGTNQITRMVTGRALLFPKGELNSKLEGKPIPNPLLGL
DSTRTGHHHHHH
;
_entity_poly.pdbx_strand_id   A,B
#
loop_
_chem_comp.id
_chem_comp.type
_chem_comp.name
_chem_comp.formula
FAD non-polymer 'FLAVIN-ADENINE DINUCLEOTIDE' 'C27 H33 N9 O15 P2'
GOL non-polymer GLYCEROL 'C3 H8 O3'
#
# COMPACT_ATOMS: atom_id res chain seq x y z
N LYS A 2 -26.64 18.35 -2.08
CA LYS A 2 -26.11 19.50 -2.82
C LYS A 2 -25.01 20.22 -2.06
N HIS A 3 -24.99 20.03 -0.73
CA HIS A 3 -23.98 20.68 0.14
C HIS A 3 -22.61 20.16 -0.21
N LEU A 4 -21.86 20.94 -1.00
CA LEU A 4 -20.53 20.53 -1.40
C LEU A 4 -19.59 20.55 -0.21
N THR A 5 -18.75 19.52 -0.12
CA THR A 5 -17.67 19.50 0.86
C THR A 5 -16.66 20.60 0.54
N GLU A 6 -15.86 20.95 1.55
CA GLU A 6 -14.85 21.97 1.31
C GLU A 6 -13.77 21.46 0.36
N GLU A 7 -13.62 20.15 0.23
CA GLU A 7 -12.71 19.60 -0.78
C GLU A 7 -13.29 19.77 -2.18
N GLN A 8 -14.60 19.56 -2.33
CA GLN A 8 -15.27 19.82 -3.61
C GLN A 8 -15.17 21.29 -4.00
N LYS A 9 -15.40 22.19 -3.04
CA LYS A 9 -15.41 23.62 -3.35
C LYS A 9 -14.02 24.12 -3.75
N LEU A 10 -12.97 23.65 -3.07
CA LEU A 10 -11.61 24.08 -3.41
C LEU A 10 -11.17 23.50 -4.75
N THR A 11 -11.54 22.25 -5.02
CA THR A 11 -11.25 21.64 -6.32
C THR A 11 -11.86 22.43 -7.45
N LEU A 12 -13.13 22.82 -7.30
CA LEU A 12 -13.80 23.54 -8.37
C LEU A 12 -13.34 24.98 -8.49
N ASP A 13 -12.88 25.58 -7.39
CA ASP A 13 -12.26 26.89 -7.52
C ASP A 13 -10.96 26.80 -8.30
N MET A 14 -10.18 25.73 -8.06
CA MET A 14 -8.97 25.52 -8.85
C MET A 14 -9.30 25.22 -10.31
N VAL A 15 -10.37 24.45 -10.55
CA VAL A 15 -10.72 24.12 -11.93
C VAL A 15 -11.15 25.37 -12.70
N ARG A 16 -11.95 26.24 -12.06
CA ARG A 16 -12.39 27.47 -12.72
C ARG A 16 -11.21 28.37 -13.03
N ASP A 17 -10.25 28.47 -12.10
CA ASP A 17 -9.06 29.27 -12.33
C ASP A 17 -8.24 28.69 -13.47
N VAL A 18 -8.07 27.36 -13.50
CA VAL A 18 -7.32 26.72 -14.56
C VAL A 18 -8.05 26.83 -15.90
N ALA A 19 -9.38 26.68 -15.89
CA ALA A 19 -10.13 26.80 -17.13
C ALA A 19 -9.95 28.18 -17.75
N THR A 20 -10.03 29.22 -16.90
CA THR A 20 -9.95 30.59 -17.37
C THR A 20 -8.54 30.94 -17.84
N ARG A 21 -7.53 30.64 -17.03
CA ARG A 21 -6.18 31.11 -17.31
C ARG A 21 -5.41 30.21 -18.27
N GLU A 22 -5.64 28.90 -18.24
CA GLU A 22 -4.85 27.95 -19.00
C GLU A 22 -5.60 27.31 -20.15
N ILE A 23 -6.85 26.87 -19.94
CA ILE A 23 -7.51 26.07 -20.96
C ILE A 23 -8.12 26.98 -22.04
N ALA A 24 -8.84 28.01 -21.61
CA ALA A 24 -9.52 28.89 -22.56
C ALA A 24 -8.59 29.56 -23.58
N PRO A 25 -7.44 30.15 -23.18
CA PRO A 25 -6.59 30.79 -24.20
C PRO A 25 -6.04 29.82 -25.22
N ARG A 26 -6.07 28.52 -24.94
CA ARG A 26 -5.56 27.48 -25.83
C ARG A 26 -6.62 26.86 -26.74
N ALA A 27 -7.90 27.17 -26.53
CA ALA A 27 -8.97 26.42 -27.19
C ALA A 27 -9.01 26.67 -28.69
N LEU A 28 -8.74 27.91 -29.13
CA LEU A 28 -8.85 28.19 -30.55
C LEU A 28 -7.79 27.45 -31.34
N GLU A 29 -6.56 27.42 -30.83
CA GLU A 29 -5.48 26.73 -31.52
C GLU A 29 -5.68 25.22 -31.47
N LEU A 30 -6.20 24.70 -30.34
CA LEU A 30 -6.46 23.26 -30.25
C LEU A 30 -7.41 22.81 -31.35
N ASP A 31 -8.44 23.61 -31.62
CA ASP A 31 -9.37 23.31 -32.70
C ASP A 31 -8.74 23.59 -34.07
N GLU A 32 -8.12 24.75 -34.23
CA GLU A 32 -7.63 25.14 -35.53
C GLU A 32 -6.62 24.14 -36.05
N LYS A 33 -5.78 23.62 -35.17
CA LYS A 33 -4.68 22.75 -35.56
C LYS A 33 -4.92 21.29 -35.19
N SER A 34 -6.09 20.95 -34.64
CA SER A 34 -6.46 19.56 -34.36
C SER A 34 -5.41 18.88 -33.47
N LEU A 35 -5.14 19.48 -32.32
CA LEU A 35 -4.10 19.04 -31.42
C LEU A 35 -4.68 18.23 -30.27
N PHE A 36 -3.96 17.19 -29.88
CA PHE A 36 -4.28 16.54 -28.62
C PHE A 36 -3.96 17.50 -27.47
N PRO A 37 -4.84 17.65 -26.47
CA PRO A 37 -4.57 18.60 -25.38
C PRO A 37 -3.52 18.08 -24.40
N GLU A 38 -2.28 18.01 -24.88
CA GLU A 38 -1.19 17.46 -24.09
C GLU A 38 -0.88 18.32 -22.87
N TYR A 39 -0.85 19.65 -23.05
CA TYR A 39 -0.57 20.52 -21.92
C TYR A 39 -1.61 20.33 -20.82
N ALA A 40 -2.89 20.31 -21.20
CA ALA A 40 -3.95 20.11 -20.22
C ALA A 40 -3.83 18.76 -19.54
N ARG A 41 -3.59 17.71 -20.34
CA ARG A 41 -3.41 16.38 -19.77
C ARG A 41 -2.29 16.37 -18.74
N ASP A 42 -1.13 16.96 -19.08
CA ASP A 42 0.00 16.96 -18.17
C ASP A 42 -0.29 17.77 -16.91
N LEU A 43 -0.96 18.92 -17.08
CA LEU A 43 -1.33 19.74 -15.93
C LEU A 43 -2.36 19.04 -15.06
N PHE A 44 -3.42 18.49 -15.68
CA PHE A 44 -4.44 17.77 -14.91
C PHE A 44 -3.81 16.65 -14.09
N ALA A 45 -2.82 15.95 -14.67
CA ALA A 45 -2.14 14.89 -13.93
C ALA A 45 -1.44 15.45 -12.70
N LYS A 46 -0.76 16.60 -12.84
CA LYS A 46 -0.06 17.18 -11.71
C LYS A 46 -1.01 17.72 -10.64
N LEU A 47 -2.22 18.12 -11.03
CA LEU A 47 -3.18 18.66 -10.08
C LEU A 47 -4.12 17.61 -9.52
N GLY A 48 -4.04 16.37 -9.99
CA GLY A 48 -4.97 15.34 -9.57
C GLY A 48 -6.33 15.41 -10.22
N LEU A 49 -6.41 15.97 -11.42
CA LEU A 49 -7.67 16.12 -12.13
C LEU A 49 -7.82 15.17 -13.30
N LEU A 50 -6.78 14.40 -13.65
CA LEU A 50 -6.86 13.54 -14.83
C LEU A 50 -7.69 12.29 -14.57
N ASN A 51 -7.66 11.75 -13.36
CA ASN A 51 -8.34 10.50 -13.03
C ASN A 51 -9.25 10.70 -11.82
N PRO A 52 -10.27 11.56 -11.95
CA PRO A 52 -11.11 11.91 -10.79
C PRO A 52 -11.80 10.73 -10.11
N LEU A 53 -12.19 9.71 -10.86
CA LEU A 53 -12.93 8.59 -10.31
C LEU A 53 -12.06 7.39 -9.98
N LEU A 54 -10.74 7.51 -10.11
CA LEU A 54 -9.87 6.42 -9.70
C LEU A 54 -9.94 6.30 -8.17
N PRO A 55 -10.26 5.11 -7.65
CA PRO A 55 -10.42 4.97 -6.20
C PRO A 55 -9.13 5.25 -5.45
N ALA A 56 -9.29 5.75 -4.22
CA ALA A 56 -8.16 5.99 -3.33
C ALA A 56 -7.33 4.73 -3.10
N ALA A 57 -7.97 3.55 -3.14
CA ALA A 57 -7.25 2.29 -2.95
C ALA A 57 -6.14 2.11 -3.99
N TYR A 58 -6.28 2.72 -5.16
CA TYR A 58 -5.31 2.61 -6.24
C TYR A 58 -4.56 3.92 -6.46
N GLY A 59 -4.44 4.74 -5.42
CA GLY A 59 -3.72 5.99 -5.55
C GLY A 59 -4.50 7.12 -6.19
N GLY A 60 -5.83 7.00 -6.25
CA GLY A 60 -6.65 8.00 -6.92
C GLY A 60 -7.33 8.97 -5.95
N THR A 61 -7.93 10.01 -6.53
CA THR A 61 -8.59 11.04 -5.73
C THR A 61 -10.01 10.66 -5.34
N GLU A 62 -10.64 9.79 -6.12
CA GLU A 62 -11.97 9.24 -5.84
C GLU A 62 -12.98 10.31 -5.45
N MET A 63 -13.07 11.35 -6.28
N MET A 63 -13.06 11.35 -6.28
CA MET A 63 -14.19 12.27 -6.15
CA MET A 63 -14.18 12.28 -6.19
C MET A 63 -15.44 11.61 -6.71
C MET A 63 -15.44 11.59 -6.70
N GLY A 64 -16.59 12.15 -6.36
CA GLY A 64 -17.83 11.57 -6.80
C GLY A 64 -18.13 11.83 -8.28
N VAL A 65 -19.27 11.29 -8.72
CA VAL A 65 -19.76 11.63 -10.05
C VAL A 65 -20.16 13.11 -10.10
N LEU A 66 -20.78 13.62 -9.03
CA LEU A 66 -21.22 15.03 -9.04
C LEU A 66 -20.04 15.99 -9.16
N THR A 67 -18.94 15.71 -8.47
CA THR A 67 -17.76 16.55 -8.58
C THR A 67 -17.23 16.56 -10.00
N LEU A 68 -17.11 15.38 -10.62
CA LEU A 68 -16.64 15.35 -12.01
C LEU A 68 -17.60 16.09 -12.92
N ALA A 69 -18.91 15.92 -12.69
CA ALA A 69 -19.89 16.62 -13.52
C ALA A 69 -19.73 18.14 -13.39
N LEU A 70 -19.43 18.63 -12.18
CA LEU A 70 -19.19 20.06 -12.00
C LEU A 70 -17.89 20.49 -12.70
N ILE A 71 -16.89 19.63 -12.69
CA ILE A 71 -15.63 19.92 -13.38
C ILE A 71 -15.84 19.97 -14.89
N LEU A 72 -16.63 19.04 -15.43
CA LEU A 72 -16.87 19.00 -16.87
C LEU A 72 -17.65 20.22 -17.34
N GLU A 73 -18.57 20.71 -16.52
CA GLU A 73 -19.27 21.94 -16.86
C GLU A 73 -18.29 23.10 -16.98
N GLU A 74 -17.38 23.23 -16.03
CA GLU A 74 -16.40 24.31 -16.11
C GLU A 74 -15.49 24.17 -17.32
N LEU A 75 -15.01 22.95 -17.61
CA LEU A 75 -14.13 22.80 -18.78
C LEU A 75 -14.92 22.94 -20.08
N GLY A 76 -16.15 22.42 -20.12
CA GLY A 76 -16.96 22.54 -21.33
C GLY A 76 -17.25 23.98 -21.70
N ARG A 77 -17.29 24.85 -20.70
CA ARG A 77 -17.49 26.28 -20.91
C ARG A 77 -16.41 26.90 -21.78
N VAL A 78 -15.17 26.41 -21.70
CA VAL A 78 -14.08 27.03 -22.42
C VAL A 78 -13.45 26.13 -23.47
N CYS A 79 -13.59 24.80 -23.37
CA CYS A 79 -13.00 23.95 -24.40
C CYS A 79 -13.63 22.56 -24.30
N ALA A 80 -14.53 22.25 -25.24
CA ALA A 80 -15.22 20.97 -25.20
C ALA A 80 -14.24 19.80 -25.39
N SER A 81 -13.19 20.01 -26.18
CA SER A 81 -12.23 18.95 -26.41
C SER A 81 -11.48 18.60 -25.13
N THR A 82 -11.16 19.59 -24.32
CA THR A 82 -10.45 19.30 -23.07
C THR A 82 -11.37 18.57 -22.09
N ALA A 83 -12.66 18.91 -22.08
CA ALA A 83 -13.63 18.17 -21.29
C ALA A 83 -13.73 16.73 -21.77
N LEU A 84 -13.68 16.52 -23.10
CA LEU A 84 -13.78 15.16 -23.65
C LEU A 84 -12.61 14.29 -23.21
N LEU A 85 -11.43 14.87 -23.02
CA LEU A 85 -10.30 14.09 -22.50
C LEU A 85 -10.66 13.43 -21.18
N LEU A 86 -11.25 14.18 -20.26
CA LEU A 86 -11.61 13.65 -18.94
C LEU A 86 -12.71 12.63 -19.05
N ILE A 87 -13.68 12.88 -19.93
CA ILE A 87 -14.76 11.93 -20.15
C ILE A 87 -14.21 10.62 -20.68
N ALA A 88 -13.37 10.68 -21.73
CA ALA A 88 -12.80 9.46 -22.29
C ALA A 88 -11.95 8.73 -21.25
N GLN A 89 -11.15 9.48 -20.49
CA GLN A 89 -10.25 8.86 -19.52
C GLN A 89 -11.03 8.14 -18.44
N THR A 90 -12.08 8.77 -17.91
CA THR A 90 -12.89 8.14 -16.89
C THR A 90 -13.66 6.94 -17.47
N ASP A 91 -14.29 7.12 -18.63
CA ASP A 91 -15.05 6.03 -19.24
C ASP A 91 -14.19 4.82 -19.55
N GLY A 92 -12.93 5.04 -19.95
CA GLY A 92 -12.07 3.90 -20.22
C GLY A 92 -11.72 3.11 -18.98
N MET A 93 -11.86 3.72 -17.81
CA MET A 93 -11.49 3.12 -16.54
C MET A 93 -12.66 2.50 -15.80
N LEU A 94 -13.86 3.01 -16.03
CA LEU A 94 -15.03 2.55 -15.29
C LEU A 94 -15.30 1.05 -15.42
N PRO A 95 -15.19 0.43 -16.60
CA PRO A 95 -15.47 -1.02 -16.67
C PRO A 95 -14.60 -1.84 -15.72
N ILE A 96 -13.32 -1.46 -15.57
CA ILE A 96 -12.42 -2.16 -14.65
C ILE A 96 -12.80 -1.86 -13.20
N ILE A 97 -13.08 -0.59 -12.89
CA ILE A 97 -13.39 -0.21 -11.51
C ILE A 97 -14.62 -0.96 -11.03
N HIS A 98 -15.61 -1.14 -11.90
CA HIS A 98 -16.89 -1.69 -11.47
C HIS A 98 -17.03 -3.19 -11.66
N GLY A 99 -16.35 -3.80 -12.62
CA GLY A 99 -16.52 -5.23 -12.82
C GLY A 99 -15.27 -6.07 -12.63
N GLY A 100 -14.12 -5.42 -12.42
CA GLY A 100 -12.87 -6.16 -12.35
C GLY A 100 -12.72 -6.86 -11.01
N SER A 101 -12.12 -8.05 -11.06
CA SER A 101 -11.73 -8.76 -9.85
C SER A 101 -10.70 -7.95 -9.08
N PRO A 102 -10.55 -8.21 -7.77
CA PRO A 102 -9.48 -7.50 -7.02
C PRO A 102 -8.11 -7.61 -7.66
N GLU A 103 -7.76 -8.79 -8.20
CA GLU A 103 -6.48 -8.96 -8.88
C GLU A 103 -6.40 -8.11 -10.15
N LEU A 104 -7.45 -8.11 -10.97
CA LEU A 104 -7.42 -7.33 -12.20
C LEU A 104 -7.32 -5.84 -11.90
N LYS A 105 -8.07 -5.35 -10.91
CA LYS A 105 -8.00 -3.93 -10.58
C LYS A 105 -6.61 -3.52 -10.10
N GLU A 106 -5.98 -4.36 -9.25
CA GLU A 106 -4.63 -4.01 -8.81
C GLU A 106 -3.64 -4.02 -9.97
N ARG A 107 -3.78 -4.98 -10.87
CA ARG A 107 -2.82 -5.16 -11.96
C ARG A 107 -2.89 -4.02 -12.98
N TYR A 108 -4.07 -3.44 -13.23
CA TYR A 108 -4.20 -2.46 -14.29
C TYR A 108 -4.52 -1.04 -13.83
N LEU A 109 -5.10 -0.85 -12.64
CA LEU A 109 -5.40 0.49 -12.16
C LEU A 109 -4.23 1.16 -11.42
N ARG A 110 -3.30 0.39 -10.85
CA ARG A 110 -2.20 0.97 -10.10
C ARG A 110 -1.36 1.91 -10.97
N ARG A 111 -1.23 1.61 -12.26
CA ARG A 111 -0.41 2.46 -13.13
C ARG A 111 -1.02 3.84 -13.34
N PHE A 112 -2.26 4.09 -12.90
CA PHE A 112 -2.88 5.40 -13.02
C PHE A 112 -2.84 6.20 -11.73
N ALA A 113 -2.14 5.69 -10.72
CA ALA A 113 -2.07 6.36 -9.42
C ALA A 113 -1.41 7.73 -9.53
N GLY A 114 -1.75 8.61 -8.58
CA GLY A 114 -1.05 9.87 -8.45
C GLY A 114 -1.07 10.69 -9.73
N GLU A 115 0.12 11.14 -10.13
CA GLU A 115 0.31 12.04 -11.26
C GLU A 115 0.58 11.31 -12.56
N SER A 116 0.23 10.03 -12.65
CA SER A 116 0.37 9.28 -13.90
C SER A 116 -0.30 10.00 -15.06
N THR A 117 0.36 9.99 -16.23
CA THR A 117 -0.20 10.60 -17.43
C THR A 117 -0.68 9.55 -18.44
N LEU A 118 -0.70 8.28 -18.06
CA LEU A 118 -1.17 7.22 -18.95
C LEU A 118 -2.65 7.39 -19.27
N LEU A 119 -3.07 6.87 -20.43
CA LEU A 119 -4.41 7.08 -20.96
C LEU A 119 -5.16 5.75 -21.08
N THR A 120 -6.49 5.82 -20.96
CA THR A 120 -7.39 4.69 -21.15
C THR A 120 -8.29 4.91 -22.36
N ALA A 121 -8.98 3.85 -22.77
CA ALA A 121 -10.01 3.97 -23.79
C ALA A 121 -11.02 2.85 -23.64
N LEU A 122 -12.23 3.09 -24.13
CA LEU A 122 -13.32 2.12 -24.16
C LEU A 122 -13.65 1.80 -25.61
N ALA A 123 -13.54 0.53 -25.99
CA ALA A 123 -13.73 0.12 -27.39
C ALA A 123 -14.91 -0.84 -27.49
N ALA A 124 -16.08 -0.28 -27.78
CA ALA A 124 -17.30 -1.04 -27.98
C ALA A 124 -17.85 -0.90 -29.39
N THR A 125 -17.95 0.34 -29.89
CA THR A 125 -18.58 0.62 -31.18
C THR A 125 -17.78 0.05 -32.36
N GLU A 126 -18.50 -0.45 -33.36
CA GLU A 126 -17.97 -0.99 -34.61
C GLU A 126 -18.76 -0.40 -35.76
N PRO A 127 -18.19 -0.45 -36.99
CA PRO A 127 -18.96 0.04 -38.15
C PRO A 127 -20.32 -0.61 -38.31
N ALA A 128 -20.42 -1.90 -37.99
CA ALA A 128 -21.70 -2.61 -38.06
C ALA A 128 -22.56 -2.45 -36.80
N ALA A 129 -22.03 -1.85 -35.74
CA ALA A 129 -22.71 -1.82 -34.45
C ALA A 129 -22.53 -0.45 -33.81
N GLY A 130 -23.49 0.45 -34.01
CA GLY A 130 -23.55 1.74 -33.37
C GLY A 130 -24.60 1.70 -32.25
N SER A 131 -25.84 2.06 -32.55
CA SER A 131 -26.88 1.91 -31.55
C SER A 131 -27.18 0.45 -31.29
N ASP A 132 -27.05 -0.39 -32.31
CA ASP A 132 -27.28 -1.82 -32.17
C ASP A 132 -25.95 -2.46 -31.75
N LEU A 133 -25.65 -2.33 -30.47
CA LEU A 133 -24.38 -2.84 -29.97
C LEU A 133 -24.30 -4.35 -30.04
N LEU A 134 -25.43 -5.04 -29.93
CA LEU A 134 -25.46 -6.50 -30.01
C LEU A 134 -25.06 -7.04 -31.38
N ALA A 135 -25.01 -6.20 -32.41
CA ALA A 135 -24.51 -6.61 -33.71
C ALA A 135 -22.99 -6.52 -33.83
N MET A 136 -22.26 -6.13 -32.78
CA MET A 136 -20.81 -6.10 -32.87
C MET A 136 -20.27 -7.46 -33.29
N LYS A 137 -19.20 -7.44 -34.10
CA LYS A 137 -18.66 -8.65 -34.69
C LYS A 137 -17.29 -9.06 -34.15
N THR A 138 -16.62 -8.21 -33.37
CA THR A 138 -15.39 -8.63 -32.73
C THR A 138 -15.63 -9.87 -31.89
N ARG A 139 -14.74 -10.85 -31.99
CA ARG A 139 -14.89 -12.14 -31.34
C ARG A 139 -13.70 -12.42 -30.43
N ALA A 140 -13.95 -13.04 -29.28
CA ALA A 140 -12.91 -13.47 -28.37
C ALA A 140 -13.02 -14.98 -28.18
N VAL A 141 -11.96 -15.72 -28.55
CA VAL A 141 -11.94 -17.17 -28.48
C VAL A 141 -10.88 -17.59 -27.47
N ARG A 142 -11.30 -18.33 -26.44
CA ARG A 142 -10.34 -18.82 -25.46
C ARG A 142 -9.53 -19.97 -26.03
N GLN A 143 -8.21 -19.90 -25.86
CA GLN A 143 -7.31 -20.93 -26.35
C GLN A 143 -6.27 -21.17 -25.26
N GLY A 144 -6.49 -22.19 -24.45
CA GLY A 144 -5.60 -22.43 -23.33
C GLY A 144 -5.70 -21.28 -22.34
N ASP A 145 -4.55 -20.69 -22.01
CA ASP A 145 -4.48 -19.60 -21.06
C ASP A 145 -4.64 -18.21 -21.68
N LYS A 146 -5.13 -18.17 -22.90
CA LYS A 146 -5.30 -16.89 -23.59
C LYS A 146 -6.61 -16.85 -24.38
N TYR A 147 -7.10 -15.64 -24.57
CA TYR A 147 -8.12 -15.27 -25.53
C TYR A 147 -7.51 -14.70 -26.80
N VAL A 148 -8.02 -15.14 -27.95
CA VAL A 148 -7.61 -14.63 -29.25
C VAL A 148 -8.68 -13.67 -29.75
N ILE A 149 -8.32 -12.41 -30.00
CA ILE A 149 -9.26 -11.36 -30.33
C ILE A 149 -9.12 -11.03 -31.81
N ASN A 150 -10.24 -11.12 -32.55
CA ASN A 150 -10.32 -10.74 -33.96
C ASN A 150 -11.50 -9.79 -34.16
N GLY A 151 -11.28 -8.70 -34.89
CA GLY A 151 -12.40 -7.81 -35.18
C GLY A 151 -11.90 -6.37 -35.37
N GLN A 152 -12.79 -5.42 -35.08
CA GLN A 152 -12.44 -4.02 -35.27
C GLN A 152 -13.40 -3.14 -34.49
N LYS A 153 -12.96 -1.90 -34.28
CA LYS A 153 -13.72 -0.90 -33.56
C LYS A 153 -13.52 0.43 -34.26
N CYS A 154 -14.49 1.34 -34.11
CA CYS A 154 -14.36 2.67 -34.72
C CYS A 154 -14.91 3.71 -33.74
N PHE A 155 -14.54 4.97 -34.01
CA PHE A 155 -14.94 6.12 -33.19
C PHE A 155 -14.39 6.03 -31.77
N ILE A 156 -13.25 5.39 -31.58
CA ILE A 156 -12.71 5.15 -30.24
C ILE A 156 -11.90 6.37 -29.81
N THR A 157 -12.44 7.14 -28.86
CA THR A 157 -11.76 8.33 -28.38
C THR A 157 -10.45 7.95 -27.69
N ASN A 158 -9.35 8.62 -28.07
CA ASN A 158 -8.01 8.31 -27.58
C ASN A 158 -7.61 6.86 -27.85
N GLY A 159 -8.25 6.23 -28.83
CA GLY A 159 -7.99 4.82 -29.06
C GLY A 159 -6.53 4.54 -29.37
N SER A 160 -5.94 5.33 -30.27
CA SER A 160 -4.58 5.05 -30.72
C SER A 160 -3.50 5.50 -29.73
N VAL A 161 -3.85 6.22 -28.67
CA VAL A 161 -2.87 6.70 -27.70
C VAL A 161 -3.07 6.12 -26.32
N ALA A 162 -4.10 5.28 -26.13
CA ALA A 162 -4.41 4.72 -24.82
C ALA A 162 -3.43 3.61 -24.43
N ASP A 163 -3.01 3.62 -23.16
CA ASP A 163 -2.18 2.55 -22.63
C ASP A 163 -3.00 1.33 -22.28
N VAL A 164 -4.26 1.53 -21.90
CA VAL A 164 -5.19 0.46 -21.55
C VAL A 164 -6.48 0.72 -22.30
N ILE A 165 -6.93 -0.26 -23.06
CA ILE A 165 -8.21 -0.19 -23.74
C ILE A 165 -9.09 -1.31 -23.21
N VAL A 166 -10.34 -0.98 -22.89
CA VAL A 166 -11.35 -1.99 -22.59
C VAL A 166 -12.07 -2.34 -23.89
N VAL A 167 -11.97 -3.61 -24.29
CA VAL A 167 -12.49 -4.07 -25.57
C VAL A 167 -13.65 -5.03 -25.32
N TYR A 168 -14.78 -4.77 -25.95
CA TYR A 168 -15.95 -5.63 -25.83
C TYR A 168 -15.99 -6.58 -27.02
N ALA A 169 -16.26 -7.85 -26.75
CA ALA A 169 -16.19 -8.87 -27.80
C ALA A 169 -17.09 -10.05 -27.43
N TYR A 170 -17.65 -10.66 -28.45
CA TYR A 170 -18.43 -11.87 -28.26
C TYR A 170 -17.51 -13.02 -27.91
N THR A 171 -17.81 -13.69 -26.79
CA THR A 171 -17.26 -15.01 -26.49
C THR A 171 -18.23 -16.12 -26.83
N ASP A 172 -19.53 -15.82 -26.88
CA ASP A 172 -20.54 -16.78 -27.37
C ASP A 172 -21.50 -15.98 -28.24
N PRO A 173 -21.25 -15.94 -29.56
CA PRO A 173 -22.06 -15.11 -30.46
C PRO A 173 -23.53 -15.47 -30.51
N GLU A 174 -23.93 -16.61 -29.97
CA GLU A 174 -25.33 -16.99 -30.04
C GLU A 174 -26.14 -16.52 -28.85
N LYS A 175 -25.51 -16.12 -27.75
CA LYS A 175 -26.25 -15.71 -26.55
C LYS A 175 -26.56 -14.23 -26.51
N GLY A 176 -26.27 -13.49 -27.58
CA GLY A 176 -26.61 -12.08 -27.65
C GLY A 176 -26.12 -11.27 -26.47
N SER A 177 -27.06 -10.68 -25.73
CA SER A 177 -26.73 -9.83 -24.59
C SER A 177 -26.14 -10.63 -23.43
N LYS A 178 -26.16 -11.95 -23.49
CA LYS A 178 -25.47 -12.76 -22.50
C LYS A 178 -24.25 -13.45 -23.09
N GLY A 179 -23.78 -13.00 -24.25
CA GLY A 179 -22.63 -13.63 -24.88
C GLY A 179 -21.46 -12.71 -25.15
N ILE A 180 -21.46 -11.51 -24.57
CA ILE A 180 -20.40 -10.55 -24.75
C ILE A 180 -19.52 -10.54 -23.51
N SER A 181 -18.22 -10.30 -23.70
CA SER A 181 -17.28 -10.14 -22.59
C SER A 181 -16.47 -8.86 -22.79
N ALA A 182 -15.83 -8.41 -21.71
CA ALA A 182 -15.00 -7.23 -21.73
C ALA A 182 -13.57 -7.61 -21.35
N PHE A 183 -12.59 -7.02 -22.03
CA PHE A 183 -11.20 -7.42 -21.89
C PHE A 183 -10.32 -6.20 -21.76
N VAL A 184 -9.34 -6.28 -20.86
CA VAL A 184 -8.26 -5.29 -20.78
C VAL A 184 -7.28 -5.55 -21.92
N VAL A 185 -6.99 -4.51 -22.71
CA VAL A 185 -6.02 -4.61 -23.80
C VAL A 185 -4.99 -3.51 -23.63
N GLU A 186 -3.71 -3.89 -23.62
CA GLU A 186 -2.61 -2.98 -23.36
C GLU A 186 -2.04 -2.46 -24.66
N LYS A 187 -1.61 -1.20 -24.67
CA LYS A 187 -0.80 -0.72 -25.77
C LYS A 187 0.41 -1.62 -25.96
N GLY A 188 0.74 -1.93 -27.22
CA GLY A 188 1.87 -2.79 -27.54
C GLY A 188 1.55 -4.26 -27.73
N THR A 189 0.32 -4.68 -27.44
CA THR A 189 -0.05 -6.08 -27.66
C THR A 189 0.09 -6.42 -29.14
N PRO A 190 0.77 -7.50 -29.50
CA PRO A 190 0.86 -7.89 -30.92
C PRO A 190 -0.53 -8.21 -31.46
N GLY A 191 -0.79 -7.75 -32.68
CA GLY A 191 -2.11 -7.91 -33.27
C GLY A 191 -3.06 -6.76 -33.04
N LEU A 192 -2.69 -5.77 -32.23
CA LEU A 192 -3.42 -4.51 -32.09
C LEU A 192 -2.89 -3.51 -33.12
N VAL A 193 -3.76 -3.12 -34.07
CA VAL A 193 -3.38 -2.25 -35.19
C VAL A 193 -4.27 -1.02 -35.20
N TYR A 194 -3.65 0.14 -35.42
CA TYR A 194 -4.34 1.43 -35.49
C TYR A 194 -4.69 1.80 -36.92
N GLY A 195 -5.90 2.34 -37.10
CA GLY A 195 -6.39 2.84 -38.37
C GLY A 195 -6.33 4.35 -38.46
N ARG A 196 -7.29 4.92 -39.16
CA ARG A 196 -7.36 6.36 -39.31
C ARG A 196 -7.73 7.05 -38.00
N ASN A 197 -7.18 8.25 -37.80
CA ASN A 197 -7.77 9.24 -36.89
C ASN A 197 -8.70 10.07 -37.75
N GLU A 198 -10.00 9.81 -37.66
N GLU A 198 -10.01 9.82 -37.64
CA GLU A 198 -10.93 10.41 -38.62
CA GLU A 198 -10.97 10.42 -38.55
C GLU A 198 -11.18 11.88 -38.28
C GLU A 198 -11.12 11.92 -38.26
N SER A 199 -11.32 12.69 -39.32
CA SER A 199 -11.46 14.14 -39.22
C SER A 199 -12.93 14.53 -39.00
N LYS A 200 -13.19 15.34 -37.97
CA LYS A 200 -14.54 15.61 -37.48
C LYS A 200 -14.96 17.06 -37.66
N MET A 201 -16.27 17.28 -37.55
CA MET A 201 -16.82 18.62 -37.62
C MET A 201 -16.32 19.49 -36.47
N GLY A 202 -16.32 18.93 -35.26
CA GLY A 202 -15.86 19.63 -34.07
C GLY A 202 -15.21 18.66 -33.11
N MET A 203 -15.00 19.08 -31.87
CA MET A 203 -14.19 18.32 -30.93
C MET A 203 -12.88 17.92 -31.58
N ARG A 204 -12.31 18.87 -32.34
CA ARG A 204 -11.13 18.55 -33.15
C ARG A 204 -9.87 18.36 -32.32
N GLY A 205 -9.85 18.85 -31.09
CA GLY A 205 -8.69 18.66 -30.22
C GLY A 205 -8.74 17.33 -29.51
N SER A 206 -8.96 16.26 -30.26
CA SER A 206 -9.24 14.96 -29.67
C SER A 206 -9.00 13.90 -30.72
N ILE A 207 -8.50 12.75 -30.27
CA ILE A 207 -8.12 11.65 -31.16
C ILE A 207 -9.29 10.69 -31.30
N ASN A 208 -9.59 10.29 -32.54
CA ASN A 208 -10.80 9.52 -32.88
C ASN A 208 -10.41 8.31 -33.73
N SER A 209 -10.23 7.14 -33.11
CA SER A 209 -9.43 6.05 -33.68
C SER A 209 -10.24 4.86 -34.22
N GLU A 210 -9.83 4.36 -35.37
CA GLU A 210 -10.15 3.00 -35.77
C GLU A 210 -9.17 2.03 -35.10
N LEU A 211 -9.69 0.88 -34.64
CA LEU A 211 -8.84 -0.18 -34.08
C LEU A 211 -9.14 -1.48 -34.80
N PHE A 212 -8.09 -2.27 -35.03
CA PHE A 212 -8.21 -3.59 -35.65
C PHE A 212 -7.52 -4.61 -34.76
N PHE A 213 -8.13 -5.78 -34.63
CA PHE A 213 -7.59 -6.90 -33.86
C PHE A 213 -7.35 -8.06 -34.81
N GLU A 214 -6.08 -8.42 -35.00
CA GLU A 214 -5.69 -9.45 -35.95
C GLU A 214 -5.02 -10.56 -35.15
N ASN A 215 -5.80 -11.57 -34.80
CA ASN A 215 -5.37 -12.68 -33.94
C ASN A 215 -4.64 -12.15 -32.71
N MET A 216 -5.21 -11.13 -32.10
CA MET A 216 -4.60 -10.48 -30.95
C MET A 216 -4.76 -11.37 -29.71
N GLU A 217 -3.62 -11.78 -29.13
CA GLU A 217 -3.59 -12.66 -27.97
C GLU A 217 -3.53 -11.82 -26.71
N VAL A 218 -4.56 -11.90 -25.88
CA VAL A 218 -4.49 -11.27 -24.56
C VAL A 218 -4.56 -12.38 -23.54
N PRO A 219 -3.83 -12.28 -22.43
CA PRO A 219 -3.86 -13.36 -21.43
C PRO A 219 -5.25 -13.54 -20.85
N ALA A 220 -5.56 -14.78 -20.45
CA ALA A 220 -6.90 -15.08 -19.97
C ALA A 220 -7.26 -14.30 -18.70
N GLU A 221 -6.26 -13.77 -17.97
CA GLU A 221 -6.56 -12.99 -16.77
C GLU A 221 -7.10 -11.62 -17.07
N ASN A 222 -7.12 -11.20 -18.33
CA ASN A 222 -7.50 -9.86 -18.68
C ASN A 222 -9.00 -9.71 -18.87
N ILE A 223 -9.77 -10.79 -18.75
CA ILE A 223 -11.22 -10.68 -18.87
C ILE A 223 -11.76 -9.94 -17.65
N ILE A 224 -12.69 -9.03 -17.89
CA ILE A 224 -13.28 -8.20 -16.84
C ILE A 224 -14.59 -8.89 -16.43
N GLY A 225 -14.57 -9.54 -15.26
CA GLY A 225 -15.71 -10.32 -14.84
C GLY A 225 -15.76 -11.67 -15.54
N ALA A 226 -16.92 -12.32 -15.39
CA ALA A 226 -17.12 -13.62 -16.00
C ALA A 226 -17.48 -13.47 -17.47
N GLU A 227 -17.19 -14.51 -18.24
CA GLU A 227 -17.64 -14.59 -19.63
C GLU A 227 -19.14 -14.39 -19.70
N GLY A 228 -19.58 -13.58 -20.66
CA GLY A 228 -21.00 -13.32 -20.88
C GLY A 228 -21.54 -12.14 -20.09
N THR A 229 -20.75 -11.56 -19.20
CA THR A 229 -21.18 -10.39 -18.43
C THR A 229 -20.81 -9.06 -19.09
N GLY A 230 -20.18 -9.09 -20.28
CA GLY A 230 -19.69 -7.85 -20.87
C GLY A 230 -20.78 -6.84 -21.19
N PHE A 231 -21.94 -7.32 -21.64
CA PHE A 231 -22.97 -6.37 -22.05
C PHE A 231 -23.52 -5.60 -20.85
N ALA A 232 -23.77 -6.29 -19.74
CA ALA A 232 -24.24 -5.61 -18.54
C ALA A 232 -23.20 -4.63 -18.03
N ASN A 233 -21.92 -5.00 -18.11
CA ASN A 233 -20.85 -4.09 -17.73
C ASN A 233 -20.89 -2.83 -18.58
N LEU A 234 -21.05 -2.98 -19.89
CA LEU A 234 -21.15 -1.84 -20.78
C LEU A 234 -22.37 -0.98 -20.44
N MET A 235 -23.51 -1.62 -20.18
CA MET A 235 -24.73 -0.87 -19.89
C MET A 235 -24.59 -0.07 -18.60
N GLN A 236 -23.90 -0.62 -17.60
CA GLN A 236 -23.70 0.10 -16.34
C GLN A 236 -22.82 1.32 -16.52
N THR A 237 -21.81 1.25 -17.40
CA THR A 237 -20.99 2.42 -17.58
C THR A 237 -21.72 3.50 -18.38
N LEU A 238 -22.66 3.08 -19.24
CA LEU A 238 -23.36 4.02 -20.11
C LEU A 238 -24.14 5.04 -19.30
N SER A 239 -24.80 4.59 -18.22
CA SER A 239 -25.53 5.53 -17.39
C SER A 239 -24.62 6.65 -16.91
N THR A 240 -23.39 6.30 -16.52
CA THR A 240 -22.44 7.30 -16.07
C THR A 240 -21.93 8.16 -17.22
N ASN A 241 -21.64 7.55 -18.38
CA ASN A 241 -21.14 8.32 -19.52
C ASN A 241 -22.14 9.39 -19.94
N ARG A 242 -23.43 9.06 -19.90
CA ARG A 242 -24.46 10.01 -20.31
C ARG A 242 -24.46 11.26 -19.44
N VAL A 243 -24.28 11.08 -18.13
CA VAL A 243 -24.24 12.21 -17.22
C VAL A 243 -23.03 13.09 -17.53
N PHE A 244 -21.89 12.46 -17.83
CA PHE A 244 -20.69 13.21 -18.19
C PHE A 244 -20.89 13.98 -19.48
N CYS A 245 -21.63 13.39 -20.43
CA CYS A 245 -21.87 14.12 -21.67
C CYS A 245 -22.88 15.22 -21.46
N ALA A 246 -23.86 15.00 -20.58
CA ALA A 246 -24.80 16.07 -20.20
C ALA A 246 -24.06 17.24 -19.58
N ALA A 247 -23.13 16.94 -18.65
CA ALA A 247 -22.41 18.01 -17.98
C ALA A 247 -21.52 18.79 -18.95
N GLN A 248 -20.87 18.09 -19.87
CA GLN A 248 -20.09 18.77 -20.89
C GLN A 248 -20.97 19.66 -21.75
N ALA A 249 -22.16 19.16 -22.13
CA ALA A 249 -23.07 19.95 -22.94
C ALA A 249 -23.59 21.18 -22.18
N VAL A 250 -23.87 21.04 -20.88
CA VAL A 250 -24.22 22.22 -20.07
C VAL A 250 -23.11 23.26 -20.15
N GLY A 251 -21.86 22.81 -20.03
CA GLY A 251 -20.73 23.74 -20.09
C GLY A 251 -20.63 24.44 -21.43
N ILE A 252 -20.75 23.68 -22.53
CA ILE A 252 -20.71 24.27 -23.87
C ILE A 252 -21.78 25.35 -24.00
N ALA A 253 -23.00 25.00 -23.60
CA ALA A 253 -24.12 25.94 -23.71
C ALA A 253 -23.86 27.20 -22.89
N GLN A 254 -23.38 27.02 -21.65
CA GLN A 254 -23.05 28.17 -20.81
C GLN A 254 -21.95 29.02 -21.41
N GLY A 255 -20.90 28.39 -21.97
CA GLY A 255 -19.81 29.16 -22.54
C GLY A 255 -20.26 29.99 -23.72
N ALA A 256 -21.14 29.44 -24.56
CA ALA A 256 -21.66 30.19 -25.70
C ALA A 256 -22.58 31.31 -25.25
N LEU A 257 -23.43 31.04 -24.25
CA LEU A 257 -24.27 32.07 -23.66
C LEU A 257 -23.44 33.22 -23.09
N ASP A 258 -22.35 32.90 -22.38
CA ASP A 258 -21.48 33.92 -21.79
C ASP A 258 -20.94 34.86 -22.85
N ILE A 259 -20.50 34.31 -23.98
CA ILE A 259 -19.98 35.15 -25.06
C ILE A 259 -21.10 35.99 -25.66
N ALA A 260 -22.28 35.39 -25.89
CA ALA A 260 -23.39 36.16 -26.44
C ALA A 260 -23.82 37.25 -25.47
N VAL A 261 -23.90 36.92 -24.17
CA VAL A 261 -24.27 37.93 -23.18
C VAL A 261 -23.31 39.10 -23.23
N ARG A 262 -22.00 38.81 -23.27
CA ARG A 262 -20.99 39.86 -23.32
C ARG A 262 -21.14 40.70 -24.58
N HIS A 263 -21.43 40.06 -25.71
CA HIS A 263 -21.56 40.80 -26.97
C HIS A 263 -22.74 41.76 -26.94
N THR A 264 -23.89 41.34 -26.40
CA THR A 264 -25.05 42.23 -26.35
C THR A 264 -24.75 43.48 -25.54
N GLN A 265 -23.88 43.36 -24.53
CA GLN A 265 -23.50 44.50 -23.69
C GLN A 265 -22.55 45.45 -24.41
N ASP A 266 -21.71 44.94 -25.31
CA ASP A 266 -20.70 45.73 -26.00
C ASP A 266 -21.12 46.18 -27.40
N ARG A 267 -21.91 45.37 -28.10
CA ARG A 267 -22.25 45.65 -29.49
C ARG A 267 -23.35 46.70 -29.54
N VAL A 268 -23.02 47.86 -30.10
CA VAL A 268 -23.95 48.97 -30.24
C VAL A 268 -24.52 49.00 -31.66
N GLN A 269 -25.84 48.87 -31.78
CA GLN A 269 -26.57 49.21 -33.00
C GLN A 269 -27.82 49.99 -32.62
N PHE A 270 -28.23 50.91 -33.50
CA PHE A 270 -29.39 51.79 -33.29
C PHE A 270 -29.23 52.64 -32.03
N GLY A 271 -28.02 53.17 -31.82
CA GLY A 271 -27.77 54.15 -30.79
C GLY A 271 -27.51 53.63 -29.40
N LYS A 272 -27.74 52.35 -29.18
CA LYS A 272 -27.50 51.83 -27.82
C LYS A 272 -27.10 50.37 -27.93
N PRO A 273 -26.52 49.78 -26.87
CA PRO A 273 -26.18 48.35 -26.93
C PRO A 273 -27.40 47.51 -27.26
N ILE A 274 -27.19 46.45 -28.05
CA ILE A 274 -28.30 45.61 -28.49
C ILE A 274 -28.94 44.86 -27.35
N ALA A 275 -28.26 44.78 -26.21
CA ALA A 275 -28.91 44.27 -25.03
C ALA A 275 -30.14 45.06 -24.67
N HIS A 276 -30.31 46.30 -25.17
CA HIS A 276 -31.51 47.11 -24.94
C HIS A 276 -32.69 46.71 -25.82
N LEU A 277 -32.49 45.73 -26.71
CA LEU A 277 -33.50 45.36 -27.69
C LEU A 277 -34.33 44.21 -27.17
N ALA A 278 -35.65 44.38 -27.21
CA ALA A 278 -36.52 43.38 -26.60
C ALA A 278 -36.29 41.98 -27.18
N PRO A 279 -36.19 41.77 -28.51
CA PRO A 279 -35.94 40.41 -29.01
C PRO A 279 -34.59 39.81 -28.63
N VAL A 280 -33.52 40.60 -28.47
CA VAL A 280 -32.25 40.03 -28.04
C VAL A 280 -32.37 39.52 -26.62
N GLN A 281 -33.08 40.30 -25.81
CA GLN A 281 -33.38 39.97 -24.38
C GLN A 281 -34.16 38.65 -24.34
N PHE A 282 -35.11 38.50 -25.25
CA PHE A 282 -35.91 37.25 -25.32
C PHE A 282 -35.05 36.01 -25.64
N MET A 283 -34.16 36.12 -26.63
CA MET A 283 -33.29 34.99 -26.98
C MET A 283 -32.40 34.61 -25.80
N VAL A 284 -31.80 35.61 -25.16
CA VAL A 284 -30.93 35.36 -24.01
C VAL A 284 -31.70 34.73 -22.86
N ALA A 285 -32.98 35.12 -22.68
CA ALA A 285 -33.80 34.55 -21.62
C ALA A 285 -34.02 33.07 -21.86
N ASP A 286 -34.42 32.71 -23.09
CA ASP A 286 -34.66 31.32 -23.46
C ASP A 286 -33.39 30.49 -23.36
N MET A 287 -32.27 31.03 -23.82
N MET A 287 -32.28 31.02 -23.84
CA MET A 287 -31.00 30.33 -23.73
CA MET A 287 -30.99 30.35 -23.75
C MET A 287 -30.65 30.00 -22.28
C MET A 287 -30.65 30.00 -22.29
N ALA A 288 -30.69 31.01 -21.42
CA ALA A 288 -30.27 30.83 -20.03
C ALA A 288 -31.22 29.91 -19.28
N THR A 289 -32.53 30.04 -19.54
CA THR A 289 -33.51 29.14 -18.91
C THR A 289 -33.22 27.70 -19.28
N ALA A 290 -32.93 27.45 -20.55
CA ALA A 290 -32.63 26.09 -21.01
C ALA A 290 -31.31 25.58 -20.43
N VAL A 291 -30.31 26.47 -20.28
CA VAL A 291 -29.05 26.06 -19.68
C VAL A 291 -29.26 25.66 -18.22
N GLU A 292 -29.99 26.50 -17.48
CA GLU A 292 -30.18 26.22 -16.05
C GLU A 292 -31.01 24.96 -15.82
N ALA A 293 -32.08 24.78 -16.60
CA ALA A 293 -32.83 23.53 -16.54
C ALA A 293 -31.93 22.34 -16.78
N SER A 294 -31.09 22.42 -17.83
CA SER A 294 -30.18 21.33 -18.16
C SER A 294 -29.22 21.07 -17.01
N ARG A 295 -28.72 22.14 -16.40
CA ARG A 295 -27.78 22.03 -15.29
C ARG A 295 -28.46 21.35 -14.10
N LEU A 296 -29.72 21.72 -13.82
CA LEU A 296 -30.38 21.10 -12.67
C LEU A 296 -30.62 19.61 -12.91
N LEU A 297 -31.08 19.22 -14.11
CA LEU A 297 -31.27 17.80 -14.43
C LEU A 297 -29.96 17.02 -14.27
N THR A 298 -28.89 17.54 -14.87
CA THR A 298 -27.59 16.88 -14.82
C THR A 298 -27.10 16.73 -13.39
N ARG A 299 -27.18 17.79 -12.58
CA ARG A 299 -26.73 17.67 -11.20
C ARG A 299 -27.57 16.67 -10.41
N LYS A 300 -28.88 16.58 -10.70
CA LYS A 300 -29.71 15.59 -10.03
C LYS A 300 -29.30 14.18 -10.41
N ALA A 301 -29.11 13.93 -11.71
CA ALA A 301 -28.70 12.61 -12.17
C ALA A 301 -27.36 12.22 -11.58
N ALA A 302 -26.41 13.17 -11.54
CA ALA A 302 -25.10 12.85 -10.98
C ALA A 302 -25.19 12.47 -9.50
N GLU A 303 -26.08 13.13 -8.73
CA GLU A 303 -26.24 12.75 -7.33
C GLU A 303 -26.89 11.38 -7.16
N LEU A 304 -27.87 11.05 -8.02
CA LEU A 304 -28.47 9.72 -7.98
C LEU A 304 -27.44 8.63 -8.25
N LEU A 305 -26.54 8.87 -9.23
CA LEU A 305 -25.47 7.92 -9.47
C LEU A 305 -24.59 7.75 -8.24
N ASP A 306 -24.17 8.87 -7.62
CA ASP A 306 -23.35 8.78 -6.40
C ASP A 306 -24.07 8.01 -5.30
N ASP A 307 -25.40 8.16 -5.22
CA ASP A 307 -26.18 7.45 -4.21
C ASP A 307 -26.49 6.01 -4.58
N GLY A 308 -26.02 5.54 -5.73
CA GLY A 308 -26.37 4.21 -6.19
C GLY A 308 -27.86 4.01 -6.39
N ASP A 309 -28.59 5.09 -6.64
CA ASP A 309 -30.03 5.01 -6.82
C ASP A 309 -30.39 4.47 -8.21
N LYS A 310 -31.40 3.62 -8.25
CA LYS A 310 -31.74 3.00 -9.53
C LYS A 310 -32.37 4.00 -10.50
N LYS A 311 -32.90 5.11 -9.99
CA LYS A 311 -33.55 6.07 -10.87
C LYS A 311 -32.55 6.93 -11.61
N ALA A 312 -31.25 6.69 -11.43
CA ALA A 312 -30.24 7.46 -12.15
C ALA A 312 -30.33 7.21 -13.65
N VAL A 313 -30.72 6.00 -14.06
CA VAL A 313 -30.83 5.70 -15.48
C VAL A 313 -31.84 6.63 -16.12
N LEU A 314 -33.01 6.77 -15.50
CA LEU A 314 -34.05 7.63 -16.04
C LEU A 314 -33.60 9.08 -16.07
N TYR A 315 -33.05 9.58 -14.95
CA TYR A 315 -32.74 11.01 -14.92
C TYR A 315 -31.45 11.33 -15.69
N GLY A 316 -30.52 10.39 -15.73
CA GLY A 316 -29.35 10.54 -16.60
C GLY A 316 -29.73 10.59 -18.07
N SER A 317 -30.71 9.80 -18.48
CA SER A 317 -31.12 9.84 -19.88
C SER A 317 -31.87 11.14 -20.19
N MET A 318 -32.70 11.62 -19.25
CA MET A 318 -33.33 12.92 -19.40
C MET A 318 -32.30 14.05 -19.47
N ALA A 319 -31.30 14.04 -18.58
CA ALA A 319 -30.31 15.11 -18.60
C ALA A 319 -29.52 15.08 -19.89
N LYS A 320 -29.10 13.89 -20.32
CA LYS A 320 -28.30 13.78 -21.55
C LYS A 320 -29.08 14.34 -22.75
N THR A 321 -30.34 13.91 -22.91
CA THR A 321 -31.15 14.40 -24.04
C THR A 321 -31.27 15.92 -23.98
N MET A 322 -31.69 16.44 -22.82
CA MET A 322 -32.01 17.87 -22.74
C MET A 322 -30.75 18.74 -22.77
N ALA A 323 -29.69 18.31 -22.08
CA ALA A 323 -28.46 19.10 -22.05
C ALA A 323 -27.87 19.23 -23.45
N SER A 324 -27.86 18.14 -24.21
CA SER A 324 -27.23 18.18 -25.53
C SER A 324 -28.10 18.90 -26.55
N ASP A 325 -29.43 18.69 -26.52
CA ASP A 325 -30.31 19.49 -27.35
C ASP A 325 -30.16 20.96 -27.00
N THR A 326 -30.00 21.28 -25.71
CA THR A 326 -29.84 22.67 -25.29
C THR A 326 -28.52 23.26 -25.81
N ALA A 327 -27.43 22.50 -25.71
CA ALA A 327 -26.16 22.97 -26.27
C ALA A 327 -26.29 23.24 -27.76
N MET A 328 -27.01 22.39 -28.49
CA MET A 328 -27.16 22.61 -29.92
C MET A 328 -27.93 23.89 -30.19
N ARG A 329 -29.07 24.06 -29.49
CA ARG A 329 -29.92 25.22 -29.72
C ARG A 329 -29.27 26.51 -29.23
N VAL A 330 -28.65 26.47 -28.04
CA VAL A 330 -28.05 27.70 -27.51
C VAL A 330 -26.83 28.11 -28.33
N THR A 331 -26.00 27.16 -28.75
CA THR A 331 -24.83 27.56 -29.55
C THR A 331 -25.28 28.09 -30.91
N THR A 332 -26.32 27.46 -31.49
CA THR A 332 -26.87 27.96 -32.74
C THR A 332 -27.35 29.41 -32.59
N ASP A 333 -28.01 29.72 -31.47
CA ASP A 333 -28.49 31.08 -31.22
C ASP A 333 -27.38 32.02 -30.75
N ALA A 334 -26.34 31.49 -30.11
CA ALA A 334 -25.24 32.34 -29.70
C ALA A 334 -24.49 32.84 -30.93
N VAL A 335 -24.35 32.00 -31.94
CA VAL A 335 -23.77 32.49 -33.18
C VAL A 335 -24.67 33.57 -33.76
N GLN A 336 -26.00 33.36 -33.67
CA GLN A 336 -26.95 34.36 -34.17
C GLN A 336 -26.80 35.69 -33.44
N VAL A 337 -26.59 35.65 -32.13
CA VAL A 337 -26.52 36.89 -31.35
C VAL A 337 -25.30 37.73 -31.75
N LEU A 338 -24.21 37.09 -32.15
CA LEU A 338 -23.01 37.80 -32.58
C LEU A 338 -23.08 38.29 -34.03
N GLY A 339 -24.17 38.01 -34.75
CA GLY A 339 -24.31 38.40 -36.16
C GLY A 339 -23.21 37.79 -37.02
N GLY A 340 -22.78 38.55 -38.02
CA GLY A 340 -21.67 38.14 -38.86
C GLY A 340 -20.44 37.74 -38.08
N SER A 341 -20.09 38.51 -37.04
CA SER A 341 -18.92 38.17 -36.24
C SER A 341 -19.03 36.78 -35.62
N GLY A 342 -20.25 36.31 -35.32
CA GLY A 342 -20.42 34.96 -34.78
C GLY A 342 -20.07 33.85 -35.76
N TYR A 343 -20.12 34.14 -37.05
CA TYR A 343 -19.74 33.19 -38.08
C TYR A 343 -18.22 33.15 -38.31
N MET A 344 -17.47 34.04 -37.67
CA MET A 344 -16.01 34.11 -37.87
C MET A 344 -15.31 33.22 -36.86
N LYS A 345 -14.32 32.46 -37.35
CA LYS A 345 -13.62 31.48 -36.50
C LYS A 345 -12.94 32.14 -35.32
N GLU A 346 -12.46 33.38 -35.48
CA GLU A 346 -11.69 33.99 -34.39
C GLU A 346 -12.53 34.19 -33.12
N ASN A 347 -13.85 34.16 -33.22
CA ASN A 347 -14.70 34.53 -32.10
C ASN A 347 -15.23 33.34 -31.32
N GLY A 348 -14.79 32.12 -31.63
CA GLY A 348 -15.06 31.00 -30.75
C GLY A 348 -16.42 30.33 -30.77
N VAL A 349 -17.51 31.10 -30.84
CA VAL A 349 -18.83 30.48 -30.71
C VAL A 349 -19.13 29.52 -31.87
N GLU A 350 -18.58 29.76 -33.07
CA GLU A 350 -18.86 28.82 -34.16
C GLU A 350 -18.28 27.43 -33.85
N ARG A 351 -17.10 27.40 -33.23
CA ARG A 351 -16.53 26.14 -32.77
C ARG A 351 -17.41 25.47 -31.71
N MET A 352 -17.91 26.26 -30.75
CA MET A 352 -18.79 25.70 -29.75
C MET A 352 -20.05 25.12 -30.38
N MET A 353 -20.56 25.78 -31.43
CA MET A 353 -21.66 25.19 -32.18
C MET A 353 -21.26 23.87 -32.82
N ARG A 354 -20.05 23.83 -33.41
CA ARG A 354 -19.57 22.58 -33.99
C ARG A 354 -19.35 21.51 -32.94
N ASP A 355 -18.76 21.89 -31.80
CA ASP A 355 -18.59 20.95 -30.71
C ASP A 355 -19.94 20.43 -30.20
N ALA A 356 -20.94 21.30 -30.11
CA ALA A 356 -22.21 20.93 -29.48
C ALA A 356 -22.92 19.81 -30.21
N LYS A 357 -22.81 19.75 -31.54
CA LYS A 357 -23.53 18.74 -32.30
C LYS A 357 -23.13 17.31 -31.90
N LEU A 358 -21.86 17.10 -31.52
CA LEU A 358 -21.44 15.75 -31.14
C LEU A 358 -22.17 15.25 -29.90
N THR A 359 -22.51 16.14 -28.95
CA THR A 359 -23.11 15.67 -27.70
C THR A 359 -24.50 15.11 -27.92
N GLN A 360 -25.14 15.39 -29.06
CA GLN A 360 -26.44 14.80 -29.38
C GLN A 360 -26.29 13.39 -29.94
N ILE A 361 -25.07 12.97 -30.24
CA ILE A 361 -24.80 11.70 -30.92
C ILE A 361 -24.05 10.72 -30.00
N TYR A 362 -22.93 11.15 -29.46
CA TYR A 362 -22.09 10.22 -28.65
C TYR A 362 -22.69 9.88 -27.29
N THR A 363 -22.17 8.77 -26.73
CA THR A 363 -22.72 8.12 -25.54
C THR A 363 -24.17 7.71 -25.78
N GLY A 364 -24.54 7.53 -27.04
CA GLY A 364 -25.89 7.18 -27.44
C GLY A 364 -26.63 8.36 -28.04
N THR A 365 -27.18 8.19 -29.24
CA THR A 365 -27.91 9.28 -29.87
C THR A 365 -29.12 9.67 -29.03
N ASN A 366 -29.57 10.91 -29.23
CA ASN A 366 -30.75 11.38 -28.53
C ASN A 366 -32.00 10.62 -28.91
N GLN A 367 -31.98 9.87 -30.02
CA GLN A 367 -33.10 8.99 -30.31
C GLN A 367 -33.07 7.79 -29.38
N ILE A 368 -31.89 7.18 -29.20
CA ILE A 368 -31.73 6.06 -28.29
C ILE A 368 -32.04 6.47 -26.86
N THR A 369 -31.60 7.67 -26.47
N THR A 369 -31.59 7.65 -26.44
CA THR A 369 -31.79 8.12 -25.10
CA THR A 369 -31.83 8.05 -25.06
C THR A 369 -33.27 8.37 -24.80
C THR A 369 -33.31 8.31 -24.80
N ARG A 370 -34.00 8.98 -25.74
CA ARG A 370 -35.45 9.15 -25.57
C ARG A 370 -36.15 7.81 -25.37
N MET A 371 -35.64 6.75 -26.02
CA MET A 371 -36.21 5.45 -25.78
C MET A 371 -35.87 4.93 -24.40
N VAL A 372 -34.66 5.18 -23.93
CA VAL A 372 -34.34 4.78 -22.56
C VAL A 372 -35.25 5.51 -21.58
N THR A 373 -35.47 6.80 -21.79
CA THR A 373 -36.35 7.57 -20.90
C THR A 373 -37.80 7.07 -20.98
N GLY A 374 -38.32 6.92 -22.19
CA GLY A 374 -39.72 6.55 -22.34
C GLY A 374 -39.99 5.13 -21.84
N ARG A 375 -39.07 4.21 -22.09
CA ARG A 375 -39.28 2.83 -21.60
C ARG A 375 -39.25 2.80 -20.08
N ALA A 376 -38.34 3.54 -19.47
CA ALA A 376 -38.28 3.57 -18.01
C ALA A 376 -39.56 4.15 -17.42
N LEU A 377 -40.20 5.07 -18.14
CA LEU A 377 -41.43 5.65 -17.61
C LEU A 377 -42.63 4.76 -17.88
N LEU A 378 -42.67 4.13 -19.06
CA LEU A 378 -43.84 3.36 -19.45
C LEU A 378 -43.81 1.94 -18.93
N PHE A 379 -42.62 1.39 -18.69
CA PHE A 379 -42.45 0.02 -18.20
C PHE A 379 -41.59 0.06 -16.94
N PRO A 380 -42.09 0.66 -15.85
CA PRO A 380 -41.25 0.81 -14.66
C PRO A 380 -41.11 -0.49 -13.87
N HIS B 3 35.27 2.96 29.21
CA HIS B 3 35.03 3.92 30.30
C HIS B 3 33.56 4.30 30.26
N LEU B 4 32.75 3.77 31.18
CA LEU B 4 31.33 4.05 31.07
C LEU B 4 31.01 5.42 31.64
N THR B 5 30.03 6.09 31.03
CA THR B 5 29.55 7.31 31.65
C THR B 5 28.95 6.97 33.01
N GLU B 6 28.92 7.96 33.90
CA GLU B 6 28.34 7.71 35.21
C GLU B 6 26.84 7.52 35.12
N GLU B 7 26.23 7.94 34.01
CA GLU B 7 24.84 7.58 33.74
C GLU B 7 24.72 6.09 33.43
N GLN B 8 25.67 5.55 32.65
CA GLN B 8 25.71 4.11 32.44
C GLN B 8 25.93 3.37 33.74
N LYS B 9 26.81 3.89 34.60
CA LYS B 9 27.14 3.20 35.84
C LYS B 9 25.92 3.12 36.76
N LEU B 10 25.14 4.21 36.84
CA LEU B 10 23.97 4.21 37.71
C LEU B 10 22.89 3.28 37.18
N THR B 11 22.72 3.22 35.86
CA THR B 11 21.77 2.29 35.26
C THR B 11 22.13 0.85 35.59
N LEU B 12 23.41 0.50 35.48
CA LEU B 12 23.81 -0.88 35.72
C LEU B 12 23.77 -1.24 37.20
N ASP B 13 24.01 -0.26 38.08
CA ASP B 13 23.88 -0.51 39.50
C ASP B 13 22.42 -0.76 39.88
N MET B 14 21.50 -0.04 39.25
CA MET B 14 20.08 -0.30 39.49
C MET B 14 19.66 -1.66 38.94
N VAL B 15 20.20 -2.04 37.78
CA VAL B 15 19.84 -3.32 37.16
C VAL B 15 20.34 -4.48 38.01
N ARG B 16 21.57 -4.41 38.49
CA ARG B 16 22.09 -5.46 39.36
C ARG B 16 21.27 -5.57 40.63
N ASP B 17 20.85 -4.44 41.17
CA ASP B 17 20.00 -4.43 42.36
C ASP B 17 18.63 -5.05 42.06
N VAL B 18 18.02 -4.69 40.93
CA VAL B 18 16.72 -5.26 40.58
C VAL B 18 16.86 -6.74 40.26
N ALA B 19 17.94 -7.12 39.57
CA ALA B 19 18.16 -8.53 39.26
C ALA B 19 18.23 -9.36 40.53
N THR B 20 18.97 -8.88 41.55
CA THR B 20 19.16 -9.62 42.78
C THR B 20 17.89 -9.66 43.63
N ARG B 21 17.26 -8.51 43.85
CA ARG B 21 16.16 -8.43 44.80
C ARG B 21 14.81 -8.86 44.20
N GLU B 22 14.59 -8.60 42.91
CA GLU B 22 13.30 -8.85 42.30
C GLU B 22 13.32 -9.98 41.29
N ILE B 23 14.33 -10.04 40.42
CA ILE B 23 14.27 -11.00 39.32
C ILE B 23 14.70 -12.39 39.77
N ALA B 24 15.82 -12.49 40.50
CA ALA B 24 16.33 -13.79 40.92
C ALA B 24 15.33 -14.60 41.74
N PRO B 25 14.65 -14.03 42.75
CA PRO B 25 13.70 -14.86 43.52
C PRO B 25 12.52 -15.36 42.70
N ARG B 26 12.24 -14.77 41.55
CA ARG B 26 11.11 -15.19 40.74
C ARG B 26 11.48 -16.22 39.67
N ALA B 27 12.78 -16.51 39.49
CA ALA B 27 13.24 -17.28 38.33
C ALA B 27 12.75 -18.72 38.38
N LEU B 28 12.75 -19.34 39.57
CA LEU B 28 12.40 -20.75 39.66
C LEU B 28 10.92 -20.97 39.36
N GLU B 29 10.05 -20.10 39.88
CA GLU B 29 8.63 -20.22 39.60
C GLU B 29 8.34 -19.89 38.14
N LEU B 30 9.07 -18.92 37.58
CA LEU B 30 8.86 -18.56 36.16
C LEU B 30 9.08 -19.77 35.25
N ASP B 31 10.11 -20.58 35.53
CA ASP B 31 10.37 -21.80 34.75
C ASP B 31 9.39 -22.92 35.09
N GLU B 32 9.17 -23.17 36.38
CA GLU B 32 8.37 -24.30 36.78
C GLU B 32 6.95 -24.21 36.23
N LYS B 33 6.38 -23.01 36.18
CA LYS B 33 5.01 -22.85 35.74
C LYS B 33 4.89 -22.23 34.36
N SER B 34 6.02 -21.92 33.71
CA SER B 34 6.05 -21.38 32.34
C SER B 34 5.26 -20.07 32.24
N LEU B 35 5.67 -19.10 33.03
CA LEU B 35 4.98 -17.83 33.15
C LEU B 35 5.68 -16.75 32.31
N PHE B 36 4.87 -15.90 31.70
CA PHE B 36 5.41 -14.68 31.11
C PHE B 36 5.88 -13.75 32.22
N PRO B 37 7.08 -13.17 32.12
CA PRO B 37 7.56 -12.30 33.20
C PRO B 37 6.86 -10.95 33.23
N GLU B 38 5.58 -10.97 33.61
CA GLU B 38 4.76 -9.76 33.59
C GLU B 38 5.26 -8.73 34.60
N TYR B 39 5.58 -9.18 35.83
CA TYR B 39 6.09 -8.27 36.83
C TYR B 39 7.35 -7.58 36.34
N ALA B 40 8.28 -8.36 35.79
CA ALA B 40 9.51 -7.78 35.28
C ALA B 40 9.22 -6.79 34.15
N ARG B 41 8.33 -7.17 33.23
CA ARG B 41 7.96 -6.27 32.14
C ARG B 41 7.41 -4.96 32.69
N ASP B 42 6.47 -5.03 33.63
CA ASP B 42 5.88 -3.82 34.21
C ASP B 42 6.92 -3.03 34.97
N LEU B 43 7.79 -3.71 35.71
CA LEU B 43 8.85 -3.01 36.43
C LEU B 43 9.85 -2.39 35.48
N PHE B 44 10.33 -3.14 34.49
CA PHE B 44 11.25 -2.57 33.51
C PHE B 44 10.65 -1.35 32.82
N ALA B 45 9.36 -1.39 32.51
CA ALA B 45 8.70 -0.23 31.91
C ALA B 45 8.74 0.98 32.83
N LYS B 46 8.48 0.77 34.13
CA LYS B 46 8.49 1.88 35.08
C LYS B 46 9.90 2.45 35.27
N LEU B 47 10.93 1.63 35.08
CA LEU B 47 12.31 2.06 35.28
C LEU B 47 12.98 2.55 34.01
N GLY B 48 12.29 2.50 32.86
CA GLY B 48 12.93 2.88 31.63
C GLY B 48 13.88 1.85 31.07
N LEU B 49 13.64 0.57 31.38
CA LEU B 49 14.49 -0.50 30.91
C LEU B 49 13.86 -1.39 29.86
N LEU B 50 12.56 -1.25 29.58
CA LEU B 50 11.90 -2.14 28.65
C LEU B 50 12.29 -1.86 27.20
N ASN B 51 12.53 -0.59 26.87
CA ASN B 51 12.82 -0.17 25.49
C ASN B 51 14.12 0.62 25.44
N PRO B 52 15.24 0.00 25.83
CA PRO B 52 16.50 0.76 25.95
C PRO B 52 16.96 1.44 24.66
N LEU B 53 16.73 0.81 23.51
CA LEU B 53 17.19 1.31 22.23
C LEU B 53 16.13 2.13 21.49
N LEU B 54 15.02 2.48 22.13
CA LEU B 54 14.07 3.37 21.50
C LEU B 54 14.68 4.77 21.41
N PRO B 55 14.75 5.37 20.22
CA PRO B 55 15.45 6.66 20.07
C PRO B 55 14.80 7.77 20.88
N ALA B 56 15.63 8.72 21.31
CA ALA B 56 15.14 9.90 22.00
C ALA B 56 14.13 10.67 21.14
N ALA B 57 14.27 10.59 19.82
CA ALA B 57 13.33 11.27 18.93
C ALA B 57 11.89 10.83 19.17
N TYR B 58 11.70 9.59 19.64
CA TYR B 58 10.38 9.03 19.88
C TYR B 58 10.12 8.78 21.35
N GLY B 59 10.76 9.56 22.22
CA GLY B 59 10.51 9.46 23.66
C GLY B 59 11.26 8.33 24.35
N GLY B 60 12.29 7.78 23.73
CA GLY B 60 13.00 6.65 24.28
C GLY B 60 14.30 7.04 24.95
N THR B 61 14.91 6.05 25.61
CA THR B 61 16.13 6.28 26.36
C THR B 61 17.37 6.26 25.46
N GLU B 62 17.30 5.56 24.34
CA GLU B 62 18.37 5.51 23.34
C GLU B 62 19.75 5.30 23.99
N MET B 63 19.86 4.30 24.85
CA MET B 63 21.19 3.91 25.27
C MET B 63 21.84 3.08 24.16
N GLY B 64 23.11 2.76 24.33
CA GLY B 64 23.82 2.09 23.29
C GLY B 64 23.61 0.59 23.30
N VAL B 65 24.25 -0.07 22.33
CA VAL B 65 24.29 -1.53 22.32
C VAL B 65 25.09 -2.03 23.52
N LEU B 66 26.18 -1.35 23.86
CA LEU B 66 27.00 -1.77 25.00
C LEU B 66 26.23 -1.71 26.30
N THR B 67 25.44 -0.64 26.50
CA THR B 67 24.64 -0.54 27.72
C THR B 67 23.64 -1.69 27.83
N LEU B 68 22.92 -1.97 26.74
CA LEU B 68 21.99 -3.10 26.78
C LEU B 68 22.72 -4.42 27.02
N ALA B 69 23.88 -4.61 26.37
CA ALA B 69 24.63 -5.85 26.57
C ALA B 69 25.03 -6.03 28.02
N LEU B 70 25.43 -4.94 28.69
CA LEU B 70 25.75 -5.02 30.11
C LEU B 70 24.50 -5.31 30.93
N ILE B 71 23.35 -4.79 30.50
CA ILE B 71 22.10 -5.10 31.19
C ILE B 71 21.75 -6.57 31.01
N LEU B 72 21.92 -7.09 29.79
CA LEU B 72 21.55 -8.48 29.51
C LEU B 72 22.44 -9.47 30.25
N GLU B 73 23.72 -9.13 30.43
CA GLU B 73 24.57 -9.96 31.26
C GLU B 73 24.06 -10.00 32.69
N GLU B 74 23.67 -8.84 33.24
CA GLU B 74 23.17 -8.81 34.61
C GLU B 74 21.89 -9.65 34.76
N LEU B 75 20.97 -9.54 33.78
CA LEU B 75 19.71 -10.29 33.85
C LEU B 75 19.93 -11.77 33.59
N GLY B 76 20.78 -12.11 32.62
CA GLY B 76 21.06 -13.50 32.33
C GLY B 76 21.66 -14.24 33.49
N ARG B 77 22.35 -13.51 34.37
CA ARG B 77 22.93 -14.11 35.57
C ARG B 77 21.86 -14.75 36.46
N VAL B 78 20.66 -14.19 36.48
CA VAL B 78 19.63 -14.65 37.42
C VAL B 78 18.41 -15.24 36.75
N CYS B 79 18.12 -14.92 35.48
CA CYS B 79 16.93 -15.46 34.81
C CYS B 79 17.10 -15.26 33.31
N ALA B 80 17.38 -16.36 32.59
CA ALA B 80 17.58 -16.25 31.15
C ALA B 80 16.30 -15.83 30.43
N SER B 81 15.13 -16.26 30.93
CA SER B 81 13.88 -15.90 30.28
C SER B 81 13.62 -14.40 30.38
N THR B 82 13.99 -13.77 31.50
CA THR B 82 13.75 -12.34 31.66
C THR B 82 14.67 -11.51 30.76
N ALA B 83 15.92 -11.96 30.59
CA ALA B 83 16.79 -11.31 29.61
C ALA B 83 16.22 -11.47 28.21
N LEU B 84 15.65 -12.64 27.89
CA LEU B 84 15.07 -12.86 26.58
C LEU B 84 13.94 -11.88 26.28
N LEU B 85 13.20 -11.46 27.31
CA LEU B 85 12.16 -10.46 27.12
C LEU B 85 12.75 -9.19 26.51
N LEU B 86 13.88 -8.72 27.06
CA LEU B 86 14.49 -7.51 26.55
C LEU B 86 15.06 -7.71 25.15
N ILE B 87 15.61 -8.89 24.89
CA ILE B 87 16.14 -9.21 23.57
C ILE B 87 15.02 -9.18 22.54
N ALA B 88 13.92 -9.90 22.83
CA ALA B 88 12.80 -9.94 21.88
C ALA B 88 12.21 -8.55 21.67
N GLN B 89 12.07 -7.78 22.75
CA GLN B 89 11.47 -6.45 22.65
C GLN B 89 12.31 -5.54 21.77
N THR B 90 13.63 -5.56 21.94
CA THR B 90 14.51 -4.75 21.10
C THR B 90 14.51 -5.27 19.67
N ASP B 91 14.66 -6.59 19.49
CA ASP B 91 14.75 -7.16 18.14
C ASP B 91 13.48 -6.90 17.34
N GLY B 92 12.32 -6.91 18.00
CA GLY B 92 11.08 -6.62 17.29
C GLY B 92 10.96 -5.18 16.83
N MET B 93 11.72 -4.28 17.45
CA MET B 93 11.63 -2.86 17.18
C MET B 93 12.69 -2.38 16.20
N LEU B 94 13.85 -3.03 16.18
CA LEU B 94 14.95 -2.58 15.34
C LEU B 94 14.60 -2.44 13.85
N PRO B 95 13.87 -3.37 13.21
CA PRO B 95 13.51 -3.15 11.80
C PRO B 95 12.80 -1.82 11.55
N ILE B 96 11.94 -1.42 12.48
CA ILE B 96 11.24 -0.15 12.33
C ILE B 96 12.21 1.01 12.52
N ILE B 97 13.06 0.92 13.54
CA ILE B 97 14.01 2.00 13.82
C ILE B 97 14.96 2.19 12.64
N HIS B 98 15.35 1.10 11.99
CA HIS B 98 16.39 1.17 10.97
C HIS B 98 15.86 1.34 9.56
N GLY B 99 14.65 0.83 9.26
CA GLY B 99 14.15 0.90 7.91
C GLY B 99 12.88 1.71 7.72
N GLY B 100 12.29 2.17 8.82
CA GLY B 100 11.00 2.84 8.73
C GLY B 100 11.11 4.28 8.24
N SER B 101 10.10 4.69 7.47
CA SER B 101 9.97 6.07 7.07
C SER B 101 9.75 6.95 8.31
N PRO B 102 10.06 8.25 8.20
CA PRO B 102 9.70 9.17 9.30
C PRO B 102 8.23 9.07 9.67
N GLU B 103 7.36 8.90 8.67
CA GLU B 103 5.93 8.74 8.93
C GLU B 103 5.65 7.44 9.69
N LEU B 104 6.23 6.34 9.22
CA LEU B 104 6.00 5.04 9.85
C LEU B 104 6.57 4.99 11.26
N LYS B 105 7.78 5.51 11.45
CA LYS B 105 8.41 5.50 12.76
C LYS B 105 7.61 6.34 13.77
N GLU B 106 7.09 7.48 13.32
CA GLU B 106 6.29 8.30 14.21
C GLU B 106 5.00 7.59 14.58
N ARG B 107 4.36 6.91 13.62
CA ARG B 107 3.07 6.30 13.91
C ARG B 107 3.19 5.11 14.86
N TYR B 108 4.30 4.36 14.81
CA TYR B 108 4.36 3.12 15.59
C TYR B 108 5.38 3.14 16.72
N LEU B 109 6.43 3.97 16.65
CA LEU B 109 7.37 3.97 17.75
C LEU B 109 6.94 4.87 18.90
N ARG B 110 6.10 5.88 18.64
CA ARG B 110 5.67 6.78 19.71
C ARG B 110 4.92 6.02 20.81
N ARG B 111 4.17 4.98 20.45
CA ARG B 111 3.41 4.23 21.44
C ARG B 111 4.30 3.43 22.39
N PHE B 112 5.61 3.40 22.17
CA PHE B 112 6.52 2.75 23.11
C PHE B 112 7.28 3.74 23.97
N ALA B 113 6.97 5.04 23.86
CA ALA B 113 7.65 6.07 24.63
C ALA B 113 7.38 5.91 26.13
N GLY B 114 8.31 6.42 26.92
CA GLY B 114 8.15 6.47 28.37
C GLY B 114 7.92 5.09 28.94
N GLU B 115 6.90 4.99 29.80
CA GLU B 115 6.62 3.80 30.59
C GLU B 115 5.64 2.85 29.90
N SER B 116 5.49 2.94 28.58
CA SER B 116 4.65 2.02 27.82
C SER B 116 5.02 0.56 28.09
N THR B 117 4.00 -0.28 28.19
CA THR B 117 4.19 -1.72 28.40
C THR B 117 3.88 -2.56 27.15
N LEU B 118 3.64 -1.93 26.01
CA LEU B 118 3.36 -2.67 24.78
C LEU B 118 4.56 -3.53 24.36
N LEU B 119 4.27 -4.60 23.62
CA LEU B 119 5.28 -5.58 23.25
C LEU B 119 5.44 -5.65 21.73
N THR B 120 6.65 -5.98 21.32
CA THR B 120 7.02 -6.20 19.93
C THR B 120 7.37 -7.66 19.70
N ALA B 121 7.48 -8.03 18.42
CA ALA B 121 7.97 -9.35 18.05
C ALA B 121 8.53 -9.29 16.63
N LEU B 122 9.48 -10.18 16.34
CA LEU B 122 10.04 -10.31 15.00
C LEU B 122 9.65 -11.67 14.43
N ALA B 123 8.97 -11.66 13.29
CA ALA B 123 8.44 -12.88 12.67
C ALA B 123 9.09 -13.09 11.30
N ALA B 124 10.18 -13.85 11.28
CA ALA B 124 10.86 -14.19 10.03
C ALA B 124 10.87 -15.70 9.79
N THR B 125 11.24 -16.47 10.82
CA THR B 125 11.45 -17.91 10.71
C THR B 125 10.15 -18.66 10.43
N GLU B 126 10.25 -19.70 9.60
CA GLU B 126 9.15 -20.58 9.23
C GLU B 126 9.61 -22.02 9.35
N PRO B 127 8.68 -22.98 9.41
CA PRO B 127 9.10 -24.39 9.40
C PRO B 127 9.97 -24.76 8.20
N ALA B 128 9.69 -24.19 7.03
CA ALA B 128 10.50 -24.44 5.84
C ALA B 128 11.75 -23.58 5.76
N ALA B 129 11.91 -22.58 6.63
CA ALA B 129 12.99 -21.60 6.48
C ALA B 129 13.56 -21.29 7.86
N GLY B 130 14.63 -21.98 8.22
CA GLY B 130 15.37 -21.72 9.44
C GLY B 130 16.65 -21.00 9.12
N SER B 131 17.74 -21.76 8.90
CA SER B 131 19.00 -21.14 8.50
C SER B 131 18.88 -20.53 7.11
N ASP B 132 18.12 -21.17 6.23
CA ASP B 132 17.86 -20.73 4.86
C ASP B 132 16.62 -19.83 4.89
N LEU B 133 16.85 -18.57 5.27
CA LEU B 133 15.73 -17.63 5.40
C LEU B 133 15.08 -17.33 4.05
N LEU B 134 15.85 -17.40 2.96
CA LEU B 134 15.31 -17.16 1.63
C LEU B 134 14.30 -18.23 1.19
N ALA B 135 14.23 -19.36 1.87
CA ALA B 135 13.25 -20.40 1.60
C ALA B 135 11.89 -20.08 2.23
N MET B 136 11.78 -18.91 2.85
CA MET B 136 10.54 -18.39 3.40
C MET B 136 9.41 -18.50 2.37
N LYS B 137 8.22 -18.90 2.84
CA LYS B 137 7.10 -19.13 1.94
C LYS B 137 5.94 -18.16 2.17
N THR B 138 5.95 -17.41 3.27
CA THR B 138 4.95 -16.37 3.49
C THR B 138 4.97 -15.37 2.34
N ARG B 139 3.78 -15.05 1.84
CA ARG B 139 3.61 -14.24 0.64
C ARG B 139 2.75 -13.01 0.97
N ALA B 140 3.15 -11.86 0.42
CA ALA B 140 2.38 -10.62 0.55
C ALA B 140 2.06 -10.08 -0.84
N VAL B 141 0.78 -9.98 -1.16
CA VAL B 141 0.29 -9.54 -2.46
C VAL B 141 -0.44 -8.22 -2.30
N ARG B 142 0.01 -7.20 -3.01
CA ARG B 142 -0.64 -5.90 -2.96
C ARG B 142 -2.00 -5.99 -3.64
N GLN B 143 -3.04 -5.50 -2.94
CA GLN B 143 -4.40 -5.45 -3.49
C GLN B 143 -5.06 -4.18 -2.96
N GLY B 144 -5.11 -3.15 -3.79
CA GLY B 144 -5.68 -1.88 -3.37
C GLY B 144 -4.87 -1.27 -2.24
N ASP B 145 -5.54 -0.88 -1.16
CA ASP B 145 -4.88 -0.23 -0.04
C ASP B 145 -4.34 -1.23 0.97
N LYS B 146 -4.30 -2.51 0.63
CA LYS B 146 -3.86 -3.58 1.51
C LYS B 146 -2.76 -4.39 0.84
N TYR B 147 -1.90 -4.98 1.65
CA TYR B 147 -1.19 -6.18 1.26
C TYR B 147 -1.93 -7.37 1.87
N VAL B 148 -2.17 -8.39 1.08
CA VAL B 148 -2.82 -9.61 1.56
C VAL B 148 -1.72 -10.64 1.80
N ILE B 149 -1.59 -11.07 3.06
CA ILE B 149 -0.49 -11.90 3.49
C ILE B 149 -1.01 -13.29 3.83
N ASN B 150 -0.40 -14.32 3.22
CA ASN B 150 -0.70 -15.71 3.51
C ASN B 150 0.58 -16.45 3.83
N GLY B 151 0.56 -17.25 4.88
CA GLY B 151 1.70 -18.07 5.26
C GLY B 151 1.69 -18.36 6.76
N GLN B 152 2.89 -18.61 7.30
CA GLN B 152 2.99 -18.95 8.70
C GLN B 152 4.44 -18.74 9.16
N LYS B 153 4.58 -18.65 10.48
CA LYS B 153 5.86 -18.43 11.15
C LYS B 153 5.88 -19.31 12.40
N CYS B 154 7.09 -19.69 12.83
CA CYS B 154 7.26 -20.48 14.05
C CYS B 154 8.46 -19.96 14.83
N PHE B 155 8.48 -20.31 16.12
CA PHE B 155 9.52 -19.88 17.06
C PHE B 155 9.50 -18.36 17.27
N ILE B 156 8.34 -17.72 17.15
CA ILE B 156 8.29 -16.26 17.25
C ILE B 156 8.12 -15.89 18.72
N THR B 157 9.18 -15.35 19.32
CA THR B 157 9.17 -14.96 20.72
C THR B 157 8.18 -13.83 20.97
N ASN B 158 7.33 -14.02 21.97
CA ASN B 158 6.24 -13.10 22.31
C ASN B 158 5.30 -12.86 21.14
N GLY B 159 5.29 -13.78 20.17
CA GLY B 159 4.48 -13.57 18.98
C GLY B 159 3.00 -13.38 19.29
N SER B 160 2.44 -14.27 20.13
CA SER B 160 1.01 -14.23 20.39
C SER B 160 0.59 -13.11 21.32
N VAL B 161 1.54 -12.38 21.92
CA VAL B 161 1.23 -11.30 22.85
C VAL B 161 1.73 -9.95 22.35
N ALA B 162 2.42 -9.91 21.22
CA ALA B 162 2.97 -8.66 20.74
C ALA B 162 1.88 -7.74 20.21
N ASP B 163 2.00 -6.46 20.55
CA ASP B 163 1.11 -5.47 19.98
C ASP B 163 1.55 -5.06 18.59
N VAL B 164 2.85 -5.13 18.31
CA VAL B 164 3.44 -4.82 17.01
C VAL B 164 4.32 -6.00 16.64
N ILE B 165 4.06 -6.61 15.47
CA ILE B 165 4.88 -7.68 14.91
C ILE B 165 5.46 -7.19 13.60
N VAL B 166 6.78 -7.35 13.42
CA VAL B 166 7.41 -7.11 12.13
C VAL B 166 7.43 -8.44 11.38
N VAL B 167 6.74 -8.49 10.24
CA VAL B 167 6.53 -9.72 9.49
C VAL B 167 7.28 -9.63 8.16
N TYR B 168 8.10 -10.62 7.88
CA TYR B 168 8.83 -10.69 6.61
C TYR B 168 8.10 -11.62 5.67
N ALA B 169 7.95 -11.19 4.41
CA ALA B 169 7.17 -11.96 3.44
C ALA B 169 7.66 -11.62 2.04
N TYR B 170 7.57 -12.60 1.15
CA TYR B 170 7.91 -12.36 -0.25
C TYR B 170 6.83 -11.51 -0.90
N THR B 171 7.22 -10.36 -1.45
CA THR B 171 6.36 -9.60 -2.34
C THR B 171 6.61 -9.93 -3.79
N ASP B 172 7.80 -10.42 -4.13
CA ASP B 172 8.09 -10.97 -5.46
C ASP B 172 9.01 -12.17 -5.34
N PRO B 173 8.45 -13.40 -5.32
CA PRO B 173 9.30 -14.58 -5.17
C PRO B 173 10.29 -14.79 -6.31
N GLU B 174 10.16 -14.06 -7.42
CA GLU B 174 11.08 -14.26 -8.55
C GLU B 174 12.34 -13.41 -8.46
N LYS B 175 12.35 -12.37 -7.62
CA LYS B 175 13.52 -11.53 -7.44
C LYS B 175 14.42 -12.01 -6.30
N GLY B 176 14.15 -13.19 -5.76
CA GLY B 176 14.98 -13.80 -4.73
C GLY B 176 15.27 -12.97 -3.50
N SER B 177 16.56 -12.72 -3.24
CA SER B 177 16.97 -11.96 -2.07
C SER B 177 16.59 -10.49 -2.17
N LYS B 178 16.12 -10.03 -3.32
CA LYS B 178 15.61 -8.67 -3.47
C LYS B 178 14.09 -8.66 -3.63
N GLY B 179 13.42 -9.73 -3.22
CA GLY B 179 11.98 -9.83 -3.34
C GLY B 179 11.24 -10.02 -2.04
N ILE B 180 11.94 -9.82 -0.91
CA ILE B 180 11.32 -9.91 0.41
C ILE B 180 11.05 -8.49 0.90
N SER B 181 9.93 -8.30 1.58
CA SER B 181 9.57 -7.04 2.23
C SER B 181 9.19 -7.30 3.69
N ALA B 182 9.21 -6.22 4.48
CA ALA B 182 8.88 -6.27 5.90
C ALA B 182 7.71 -5.35 6.19
N PHE B 183 6.82 -5.78 7.08
CA PHE B 183 5.58 -5.07 7.35
C PHE B 183 5.34 -4.97 8.85
N VAL B 184 4.87 -3.80 9.29
CA VAL B 184 4.34 -3.68 10.64
C VAL B 184 2.95 -4.30 10.65
N VAL B 185 2.72 -5.25 11.55
CA VAL B 185 1.43 -5.91 11.71
C VAL B 185 0.99 -5.73 13.15
N GLU B 186 -0.23 -5.24 13.33
CA GLU B 186 -0.75 -4.91 14.65
C GLU B 186 -1.56 -6.08 15.20
N LYS B 187 -1.46 -6.29 16.51
CA LYS B 187 -2.37 -7.20 17.18
C LYS B 187 -3.81 -6.83 16.84
N GLY B 188 -4.64 -7.86 16.64
CA GLY B 188 -6.04 -7.65 16.28
C GLY B 188 -6.31 -7.61 14.80
N THR B 189 -5.26 -7.61 13.97
CA THR B 189 -5.47 -7.58 12.52
C THR B 189 -6.25 -8.81 12.09
N PRO B 190 -7.34 -8.66 11.33
CA PRO B 190 -8.09 -9.83 10.88
C PRO B 190 -7.24 -10.71 9.97
N GLY B 191 -7.35 -12.02 10.17
CA GLY B 191 -6.53 -12.98 9.46
C GLY B 191 -5.23 -13.33 10.15
N LEU B 192 -4.90 -12.65 11.24
CA LEU B 192 -3.78 -13.04 12.08
C LEU B 192 -4.28 -14.12 13.03
N VAL B 193 -3.71 -15.31 12.92
CA VAL B 193 -4.17 -16.48 13.68
C VAL B 193 -3.01 -16.93 14.56
N TYR B 194 -3.29 -17.17 15.82
CA TYR B 194 -2.27 -17.64 16.75
C TYR B 194 -2.29 -19.16 16.81
N GLY B 195 -1.13 -19.77 16.78
CA GLY B 195 -0.99 -21.22 16.89
C GLY B 195 -0.56 -21.65 18.28
N ARG B 196 0.22 -22.72 18.34
CA ARG B 196 0.74 -23.22 19.61
C ARG B 196 1.78 -22.27 20.19
N ASN B 197 1.82 -22.19 21.52
CA ASN B 197 3.01 -21.74 22.25
C ASN B 197 3.80 -23.00 22.56
N GLU B 198 4.83 -23.28 21.76
CA GLU B 198 5.44 -24.61 21.79
C GLU B 198 6.28 -24.79 23.06
N SER B 199 6.17 -25.98 23.65
CA SER B 199 6.85 -26.29 24.89
C SER B 199 8.33 -26.59 24.64
N LYS B 200 9.20 -25.88 25.34
CA LYS B 200 10.63 -25.90 25.07
C LYS B 200 11.39 -26.53 26.22
N MET B 201 12.63 -26.90 25.94
CA MET B 201 13.50 -27.50 26.95
C MET B 201 13.79 -26.49 28.06
N GLY B 202 14.08 -25.24 27.71
CA GLY B 202 14.37 -24.20 28.66
C GLY B 202 13.82 -22.88 28.17
N MET B 203 14.24 -21.76 28.77
CA MET B 203 13.60 -20.47 28.54
C MET B 203 12.09 -20.59 28.64
N ARG B 204 11.63 -21.37 29.62
CA ARG B 204 10.21 -21.70 29.70
C ARG B 204 9.35 -20.51 30.10
N GLY B 205 9.95 -19.47 30.69
CA GLY B 205 9.23 -18.27 31.05
C GLY B 205 9.13 -17.30 29.89
N SER B 206 8.75 -17.81 28.74
CA SER B 206 8.83 -17.02 27.52
C SER B 206 7.91 -17.65 26.48
N ILE B 207 7.24 -16.80 25.72
CA ILE B 207 6.23 -17.25 24.78
C ILE B 207 6.90 -17.48 23.42
N ASN B 208 6.61 -18.63 22.82
CA ASN B 208 7.28 -19.15 21.63
C ASN B 208 6.19 -19.54 20.65
N SER B 209 5.80 -18.62 19.77
CA SER B 209 4.50 -18.67 19.12
C SER B 209 4.58 -19.17 17.68
N GLU B 210 3.63 -20.03 17.31
CA GLU B 210 3.28 -20.23 15.92
C GLU B 210 2.34 -19.11 15.50
N LEU B 211 2.57 -18.58 14.31
CA LEU B 211 1.67 -17.59 13.74
C LEU B 211 1.21 -18.08 12.38
N PHE B 212 -0.07 -17.84 12.08
CA PHE B 212 -0.63 -18.16 10.77
C PHE B 212 -1.30 -16.92 10.22
N PHE B 213 -1.08 -16.68 8.93
CA PHE B 213 -1.65 -15.52 8.23
C PHE B 213 -2.59 -16.09 7.18
N GLU B 214 -3.88 -15.86 7.37
CA GLU B 214 -4.92 -16.42 6.52
C GLU B 214 -5.65 -15.23 5.90
N ASN B 215 -5.26 -14.90 4.67
CA ASN B 215 -5.74 -13.71 3.96
C ASN B 215 -5.70 -12.50 4.89
N MET B 216 -4.58 -12.37 5.59
CA MET B 216 -4.41 -11.28 6.54
C MET B 216 -4.17 -9.97 5.78
N GLU B 217 -5.06 -9.01 5.97
CA GLU B 217 -5.00 -7.74 5.27
C GLU B 217 -4.23 -6.73 6.13
N VAL B 218 -3.07 -6.31 5.65
CA VAL B 218 -2.25 -5.32 6.32
C VAL B 218 -2.30 -4.03 5.50
N PRO B 219 -2.48 -2.87 6.13
CA PRO B 219 -2.56 -1.64 5.35
C PRO B 219 -1.26 -1.40 4.59
N ALA B 220 -1.39 -0.86 3.38
CA ALA B 220 -0.20 -0.68 2.55
C ALA B 220 0.77 0.31 3.16
N GLU B 221 0.28 1.21 4.03
CA GLU B 221 1.16 2.20 4.65
C GLU B 221 2.05 1.59 5.73
N ASN B 222 1.86 0.30 6.06
CA ASN B 222 2.60 -0.37 7.11
C ASN B 222 3.90 -1.01 6.62
N ILE B 223 4.18 -0.95 5.32
CA ILE B 223 5.41 -1.56 4.81
C ILE B 223 6.61 -0.79 5.36
N ILE B 224 7.63 -1.53 5.75
CA ILE B 224 8.87 -0.97 6.30
C ILE B 224 9.86 -0.86 5.16
N GLY B 225 10.12 0.38 4.72
CA GLY B 225 10.98 0.60 3.58
C GLY B 225 10.28 0.27 2.27
N ALA B 226 11.08 0.20 1.21
CA ALA B 226 10.54 -0.11 -0.10
C ALA B 226 10.38 -1.63 -0.27
N GLU B 227 9.49 -2.01 -1.17
CA GLU B 227 9.36 -3.42 -1.53
C GLU B 227 10.70 -4.00 -1.96
N GLY B 228 10.99 -5.21 -1.50
CA GLY B 228 12.22 -5.86 -1.88
C GLY B 228 13.43 -5.56 -1.01
N THR B 229 13.31 -4.63 -0.07
CA THR B 229 14.40 -4.34 0.86
C THR B 229 14.30 -5.12 2.16
N GLY B 230 13.32 -6.01 2.29
CA GLY B 230 13.11 -6.70 3.55
C GLY B 230 14.28 -7.58 3.96
N PHE B 231 14.92 -8.24 2.99
CA PHE B 231 16.02 -9.14 3.33
C PHE B 231 17.20 -8.37 3.90
N ALA B 232 17.54 -7.22 3.30
CA ALA B 232 18.61 -6.40 3.83
C ALA B 232 18.25 -5.85 5.22
N ASN B 233 16.98 -5.49 5.40
CA ASN B 233 16.51 -5.05 6.70
C ASN B 233 16.71 -6.14 7.75
N LEU B 234 16.31 -7.38 7.44
CA LEU B 234 16.48 -8.48 8.38
C LEU B 234 17.96 -8.75 8.66
N MET B 235 18.78 -8.75 7.62
CA MET B 235 20.19 -9.06 7.79
C MET B 235 20.90 -8.01 8.63
N GLN B 236 20.48 -6.74 8.51
CA GLN B 236 21.11 -5.67 9.29
C GLN B 236 20.87 -5.85 10.79
N THR B 237 19.76 -6.45 11.19
CA THR B 237 19.47 -6.65 12.60
C THR B 237 20.29 -7.79 13.22
N LEU B 238 20.77 -8.74 12.41
CA LEU B 238 21.40 -9.94 12.95
C LEU B 238 22.65 -9.62 13.76
N SER B 239 23.48 -8.68 13.29
CA SER B 239 24.68 -8.30 14.03
C SER B 239 24.35 -7.84 15.44
N THR B 240 23.28 -7.07 15.59
CA THR B 240 22.86 -6.61 16.91
C THR B 240 22.26 -7.76 17.72
N ASN B 241 21.47 -8.61 17.07
CA ASN B 241 20.84 -9.74 17.74
C ASN B 241 21.89 -10.68 18.33
N ARG B 242 22.97 -10.94 17.59
CA ARG B 242 24.02 -11.86 18.05
C ARG B 242 24.73 -11.34 19.30
N VAL B 243 25.00 -10.03 19.36
CA VAL B 243 25.63 -9.46 20.54
C VAL B 243 24.74 -9.61 21.76
N PHE B 244 23.42 -9.40 21.58
CA PHE B 244 22.48 -9.54 22.69
C PHE B 244 22.44 -10.98 23.20
N CYS B 245 22.52 -11.95 22.29
CA CYS B 245 22.50 -13.33 22.72
C CYS B 245 23.82 -13.73 23.36
N ALA B 246 24.92 -13.15 22.87
CA ALA B 246 26.22 -13.35 23.51
C ALA B 246 26.20 -12.84 24.95
N ALA B 247 25.67 -11.64 25.15
CA ALA B 247 25.63 -11.04 26.47
C ALA B 247 24.73 -11.81 27.42
N GLN B 248 23.57 -12.29 26.94
CA GLN B 248 22.72 -13.17 27.75
C GLN B 248 23.46 -14.45 28.10
N ALA B 249 24.19 -15.01 27.12
CA ALA B 249 24.98 -16.22 27.37
C ALA B 249 26.09 -15.98 28.40
N VAL B 250 26.74 -14.82 28.34
CA VAL B 250 27.73 -14.46 29.36
C VAL B 250 27.08 -14.46 30.74
N GLY B 251 25.89 -13.88 30.86
CA GLY B 251 25.20 -13.85 32.14
C GLY B 251 24.88 -15.22 32.68
N ILE B 252 24.33 -16.09 31.80
CA ILE B 252 23.96 -17.44 32.19
C ILE B 252 25.17 -18.18 32.76
N ALA B 253 26.28 -18.18 32.01
CA ALA B 253 27.48 -18.87 32.46
C ALA B 253 27.95 -18.32 33.80
N GLN B 254 27.96 -17.00 33.95
CA GLN B 254 28.36 -16.38 35.22
C GLN B 254 27.44 -16.79 36.36
N GLY B 255 26.13 -16.81 36.12
CA GLY B 255 25.20 -17.18 37.18
C GLY B 255 25.38 -18.61 37.64
N ALA B 256 25.63 -19.53 36.70
CA ALA B 256 25.88 -20.91 37.08
C ALA B 256 27.22 -21.04 37.79
N LEU B 257 28.24 -20.32 37.30
CA LEU B 257 29.53 -20.29 37.96
C LEU B 257 29.42 -19.77 39.39
N ASP B 258 28.63 -18.71 39.61
CA ASP B 258 28.45 -18.17 40.95
C ASP B 258 27.88 -19.21 41.89
N ILE B 259 26.89 -19.98 41.42
CA ILE B 259 26.30 -21.03 42.25
C ILE B 259 27.32 -22.11 42.54
N ALA B 260 28.11 -22.49 41.53
CA ALA B 260 29.12 -23.53 41.73
C ALA B 260 30.17 -23.10 42.75
N VAL B 261 30.64 -21.86 42.63
CA VAL B 261 31.67 -21.35 43.54
C VAL B 261 31.17 -21.37 44.98
N ARG B 262 29.95 -20.88 45.21
CA ARG B 262 29.41 -20.89 46.58
C ARG B 262 29.28 -22.32 47.10
N HIS B 263 28.89 -23.25 46.24
CA HIS B 263 28.72 -24.64 46.66
C HIS B 263 30.05 -25.28 47.08
N THR B 264 31.14 -25.04 46.32
CA THR B 264 32.43 -25.61 46.72
C THR B 264 32.89 -25.06 48.07
N GLN B 265 32.51 -23.82 48.39
CA GLN B 265 32.90 -23.25 49.67
C GLN B 265 32.07 -23.84 50.82
N ASP B 266 30.83 -24.25 50.56
CA ASP B 266 29.95 -24.74 51.62
C ASP B 266 29.90 -26.25 51.72
N ARG B 267 30.03 -26.98 50.61
CA ARG B 267 29.85 -28.43 50.59
C ARG B 267 31.11 -29.11 51.13
N VAL B 268 30.95 -29.82 52.24
CA VAL B 268 32.05 -30.51 52.91
C VAL B 268 31.99 -31.99 52.54
N GLN B 269 33.05 -32.50 51.91
CA GLN B 269 33.30 -33.91 51.76
C GLN B 269 34.76 -34.18 52.08
N PHE B 270 35.03 -35.35 52.66
CA PHE B 270 36.38 -35.75 53.07
C PHE B 270 36.99 -34.74 54.04
N GLY B 271 36.17 -34.26 54.98
CA GLY B 271 36.63 -33.46 56.10
C GLY B 271 36.80 -31.98 55.86
N LYS B 272 36.74 -31.51 54.61
CA LYS B 272 36.94 -30.12 54.25
C LYS B 272 35.99 -29.74 53.13
N PRO B 273 35.79 -28.45 52.90
CA PRO B 273 35.03 -28.03 51.71
C PRO B 273 35.71 -28.54 50.45
N ILE B 274 34.89 -28.97 49.48
CA ILE B 274 35.42 -29.53 48.24
C ILE B 274 36.22 -28.51 47.44
N ALA B 275 36.11 -27.23 47.78
CA ALA B 275 36.97 -26.22 47.19
C ALA B 275 38.44 -26.50 47.47
N HIS B 276 38.75 -27.30 48.48
CA HIS B 276 40.14 -27.65 48.75
C HIS B 276 40.68 -28.72 47.82
N LEU B 277 39.85 -29.28 46.95
CA LEU B 277 40.25 -30.39 46.10
C LEU B 277 40.75 -29.84 44.78
N ALA B 278 41.94 -30.29 44.37
CA ALA B 278 42.52 -29.79 43.13
C ALA B 278 41.62 -29.97 41.92
N PRO B 279 40.99 -31.14 41.69
CA PRO B 279 40.14 -31.26 40.49
C PRO B 279 38.94 -30.33 40.49
N VAL B 280 38.36 -30.05 41.66
CA VAL B 280 37.27 -29.09 41.70
C VAL B 280 37.78 -27.72 41.31
N GLN B 281 39.00 -27.44 41.77
CA GLN B 281 39.73 -26.18 41.50
C GLN B 281 40.00 -26.03 40.01
N PHE B 282 40.35 -27.12 39.32
CA PHE B 282 40.62 -27.09 37.88
C PHE B 282 39.35 -26.76 37.13
N MET B 283 38.23 -27.37 37.52
CA MET B 283 36.97 -27.11 36.83
C MET B 283 36.57 -25.65 36.96
N VAL B 284 36.63 -25.11 38.18
CA VAL B 284 36.22 -23.73 38.42
C VAL B 284 37.13 -22.76 37.68
N ALA B 285 38.43 -23.06 37.62
CA ALA B 285 39.36 -22.21 36.88
C ALA B 285 39.01 -22.16 35.40
N ASP B 286 38.75 -23.32 34.81
CA ASP B 286 38.38 -23.38 33.39
C ASP B 286 37.08 -22.64 33.13
N MET B 287 36.10 -22.81 34.04
CA MET B 287 34.81 -22.16 33.87
C MET B 287 34.96 -20.65 33.87
N ALA B 288 35.68 -20.11 34.88
CA ALA B 288 35.81 -18.66 35.04
C ALA B 288 36.63 -18.04 33.92
N THR B 289 37.68 -18.73 33.49
CA THR B 289 38.46 -18.25 32.35
C THR B 289 37.59 -18.10 31.11
N ALA B 290 36.77 -19.11 30.82
CA ALA B 290 35.93 -19.06 29.63
C ALA B 290 34.86 -17.98 29.76
N VAL B 291 34.31 -17.80 30.95
CA VAL B 291 33.31 -16.76 31.13
C VAL B 291 33.94 -15.39 30.91
N GLU B 292 35.14 -15.17 31.47
CA GLU B 292 35.78 -13.87 31.33
C GLU B 292 36.20 -13.61 29.89
N ALA B 293 36.74 -14.63 29.23
CA ALA B 293 37.02 -14.51 27.80
C ALA B 293 35.76 -14.14 27.01
N SER B 294 34.67 -14.86 27.25
CA SER B 294 33.42 -14.58 26.55
C SER B 294 32.95 -13.18 26.84
N ARG B 295 33.11 -12.74 28.08
CA ARG B 295 32.66 -11.40 28.50
C ARG B 295 33.44 -10.34 27.73
N LEU B 296 34.76 -10.47 27.69
CA LEU B 296 35.59 -9.47 27.01
C LEU B 296 35.30 -9.43 25.51
N LEU B 297 35.13 -10.61 24.87
CA LEU B 297 34.77 -10.64 23.46
C LEU B 297 33.43 -9.95 23.22
N THR B 298 32.43 -10.32 24.00
CA THR B 298 31.10 -9.74 23.86
C THR B 298 31.15 -8.22 24.04
N ARG B 299 31.87 -7.76 25.06
N ARG B 299 31.87 -7.77 25.06
CA ARG B 299 31.94 -6.32 25.30
CA ARG B 299 31.99 -6.35 25.33
C ARG B 299 32.64 -5.59 24.15
C ARG B 299 32.63 -5.61 24.15
N LYS B 300 33.72 -6.15 23.62
CA LYS B 300 34.37 -5.51 22.47
C LYS B 300 33.43 -5.43 21.28
N ALA B 301 32.72 -6.53 20.98
CA ALA B 301 31.78 -6.52 19.86
C ALA B 301 30.71 -5.45 20.04
N ALA B 302 30.23 -5.26 21.28
CA ALA B 302 29.18 -4.27 21.51
C ALA B 302 29.68 -2.85 21.27
N GLU B 303 30.92 -2.54 21.68
CA GLU B 303 31.44 -1.20 21.42
C GLU B 303 31.68 -0.96 19.94
N LEU B 304 32.16 -1.98 19.21
CA LEU B 304 32.35 -1.86 17.78
C LEU B 304 31.04 -1.56 17.07
N LEU B 305 29.96 -2.22 17.49
CA LEU B 305 28.64 -1.95 16.95
C LEU B 305 28.22 -0.50 17.23
N ASP B 306 28.42 -0.05 18.47
CA ASP B 306 28.07 1.33 18.83
C ASP B 306 28.81 2.35 17.98
N ASP B 307 30.07 2.07 17.65
CA ASP B 307 30.86 2.99 16.83
C ASP B 307 30.67 2.78 15.33
N GLY B 308 29.81 1.85 14.92
CA GLY B 308 29.67 1.57 13.49
C GLY B 308 30.94 1.09 12.84
N ASP B 309 31.81 0.41 13.58
CA ASP B 309 33.09 -0.05 13.07
C ASP B 309 32.92 -1.20 12.10
N LYS B 310 33.86 -1.33 11.17
CA LYS B 310 33.72 -2.31 10.09
C LYS B 310 33.84 -3.73 10.59
N LYS B 311 34.51 -3.95 11.70
CA LYS B 311 34.70 -5.29 12.23
C LYS B 311 33.64 -5.73 13.23
N ALA B 312 32.55 -4.95 13.38
CA ALA B 312 31.53 -5.36 14.34
C ALA B 312 30.88 -6.68 13.96
N VAL B 313 30.72 -6.96 12.66
CA VAL B 313 30.10 -8.21 12.25
C VAL B 313 30.97 -9.39 12.66
N LEU B 314 32.26 -9.31 12.39
CA LEU B 314 33.17 -10.41 12.72
C LEU B 314 33.20 -10.65 14.23
N TYR B 315 33.34 -9.58 15.01
CA TYR B 315 33.51 -9.76 16.45
C TYR B 315 32.19 -10.09 17.13
N GLY B 316 31.06 -9.65 16.56
CA GLY B 316 29.78 -10.10 17.08
C GLY B 316 29.57 -11.59 16.88
N SER B 317 29.99 -12.12 15.73
CA SER B 317 29.82 -13.56 15.47
C SER B 317 30.78 -14.39 16.33
N MET B 318 32.02 -13.92 16.51
CA MET B 318 32.93 -14.58 17.44
C MET B 318 32.35 -14.60 18.85
N ALA B 319 31.81 -13.46 19.30
CA ALA B 319 31.27 -13.35 20.65
C ALA B 319 30.09 -14.29 20.85
N LYS B 320 29.17 -14.35 19.88
CA LYS B 320 27.99 -15.20 20.02
C LYS B 320 28.39 -16.66 20.15
N THR B 321 29.27 -17.12 19.26
CA THR B 321 29.74 -18.50 19.26
C THR B 321 30.41 -18.87 20.57
N MET B 322 31.44 -18.10 20.93
N MET B 322 31.45 -18.11 20.91
CA MET B 322 32.22 -18.39 22.13
CA MET B 322 32.20 -18.39 22.13
C MET B 322 31.36 -18.28 23.39
C MET B 322 31.31 -18.30 23.37
N ALA B 323 30.51 -17.25 23.49
CA ALA B 323 29.71 -17.07 24.70
C ALA B 323 28.70 -18.19 24.89
N SER B 324 28.03 -18.61 23.80
CA SER B 324 26.98 -19.61 23.94
C SER B 324 27.58 -21.00 24.18
N ASP B 325 28.68 -21.32 23.47
CA ASP B 325 29.42 -22.54 23.78
C ASP B 325 29.89 -22.54 25.22
N THR B 326 30.34 -21.37 25.70
CA THR B 326 30.78 -21.27 27.09
C THR B 326 29.61 -21.46 28.05
N ALA B 327 28.46 -20.85 27.77
CA ALA B 327 27.30 -21.07 28.63
C ALA B 327 26.92 -22.53 28.67
N MET B 328 26.98 -23.22 27.52
CA MET B 328 26.65 -24.64 27.51
C MET B 328 27.65 -25.44 28.33
N ARG B 329 28.94 -25.20 28.13
CA ARG B 329 29.93 -26.00 28.84
C ARG B 329 29.96 -25.67 30.33
N VAL B 330 29.89 -24.39 30.68
CA VAL B 330 29.98 -24.02 32.09
C VAL B 330 28.75 -24.51 32.86
N THR B 331 27.55 -24.40 32.26
CA THR B 331 26.37 -24.85 32.99
C THR B 331 26.39 -26.36 33.16
N THR B 332 26.85 -27.09 32.13
CA THR B 332 27.01 -28.53 32.25
C THR B 332 27.96 -28.87 33.39
N ASP B 333 29.05 -28.10 33.53
CA ASP B 333 30.01 -28.33 34.60
C ASP B 333 29.53 -27.79 35.95
N ALA B 334 28.65 -26.79 35.94
CA ALA B 334 28.12 -26.27 37.19
C ALA B 334 27.18 -27.27 37.84
N VAL B 335 26.38 -27.95 37.02
CA VAL B 335 25.56 -29.06 37.52
C VAL B 335 26.47 -30.16 38.07
N GLN B 336 27.58 -30.43 37.36
CA GLN B 336 28.54 -31.44 37.80
C GLN B 336 29.13 -31.09 39.16
N VAL B 337 29.45 -29.81 39.38
CA VAL B 337 30.08 -29.40 40.63
C VAL B 337 29.11 -29.55 41.81
N LEU B 338 27.82 -29.38 41.58
CA LEU B 338 26.88 -29.58 42.67
C LEU B 338 26.48 -31.04 42.85
N GLY B 339 26.98 -31.94 41.99
CA GLY B 339 26.65 -33.36 42.12
C GLY B 339 25.15 -33.61 41.99
N GLY B 340 24.67 -34.59 42.77
CA GLY B 340 23.26 -34.90 42.76
C GLY B 340 22.38 -33.69 42.99
N SER B 341 22.76 -32.82 43.94
CA SER B 341 21.99 -31.61 44.19
C SER B 341 21.93 -30.70 42.97
N GLY B 342 22.95 -30.73 42.11
CA GLY B 342 22.91 -29.98 40.87
C GLY B 342 21.89 -30.50 39.87
N TYR B 343 21.52 -31.77 39.97
CA TYR B 343 20.51 -32.36 39.11
C TYR B 343 19.09 -32.09 39.60
N MET B 344 18.93 -31.50 40.78
CA MET B 344 17.62 -31.21 41.34
C MET B 344 17.14 -29.83 40.92
N LYS B 345 15.85 -29.72 40.56
CA LYS B 345 15.30 -28.47 40.08
C LYS B 345 15.38 -27.35 41.11
N GLU B 346 15.29 -27.67 42.40
CA GLU B 346 15.27 -26.61 43.40
C GLU B 346 16.56 -25.80 43.43
N ASN B 347 17.64 -26.29 42.85
CA ASN B 347 18.94 -25.64 42.96
C ASN B 347 19.33 -24.80 41.74
N GLY B 348 18.41 -24.63 40.78
CA GLY B 348 18.60 -23.63 39.75
C GLY B 348 19.54 -23.95 38.60
N VAL B 349 20.71 -24.53 38.87
CA VAL B 349 21.71 -24.68 37.80
C VAL B 349 21.20 -25.59 36.70
N GLU B 350 20.35 -26.56 37.02
CA GLU B 350 19.85 -27.42 35.94
C GLU B 350 18.99 -26.60 34.97
N ARG B 351 18.22 -25.63 35.48
CA ARG B 351 17.49 -24.75 34.58
C ARG B 351 18.44 -23.94 33.72
N MET B 352 19.51 -23.40 34.33
CA MET B 352 20.47 -22.62 33.55
C MET B 352 21.10 -23.46 32.46
N MET B 353 21.35 -24.74 32.73
CA MET B 353 21.85 -25.64 31.69
C MET B 353 20.84 -25.78 30.55
N ARG B 354 19.56 -25.93 30.89
CA ARG B 354 18.54 -26.02 29.84
C ARG B 354 18.42 -24.69 29.09
N ASP B 355 18.49 -23.56 29.82
CA ASP B 355 18.46 -22.24 29.18
C ASP B 355 19.65 -22.05 28.24
N ALA B 356 20.84 -22.49 28.68
CA ALA B 356 22.05 -22.26 27.87
C ALA B 356 21.98 -22.92 26.50
N LYS B 357 21.33 -24.09 26.42
CA LYS B 357 21.32 -24.80 25.14
C LYS B 357 20.70 -23.96 24.03
N LEU B 358 19.71 -23.11 24.37
CA LEU B 358 19.06 -22.30 23.33
C LEU B 358 20.01 -21.29 22.70
N THR B 359 20.95 -20.75 23.49
CA THR B 359 21.83 -19.69 22.97
C THR B 359 22.78 -20.22 21.90
N GLN B 360 22.97 -21.53 21.80
CA GLN B 360 23.76 -22.03 20.68
C GLN B 360 22.96 -22.12 19.39
N ILE B 361 21.65 -21.91 19.46
CA ILE B 361 20.76 -22.14 18.33
C ILE B 361 20.16 -20.83 17.80
N TYR B 362 19.55 -20.07 18.70
CA TYR B 362 18.82 -18.84 18.30
C TYR B 362 19.73 -17.68 17.87
N THR B 363 19.12 -16.75 17.13
CA THR B 363 19.85 -15.67 16.46
C THR B 363 20.90 -16.22 15.49
N GLY B 364 20.67 -17.44 15.00
CA GLY B 364 21.60 -18.13 14.12
C GLY B 364 22.36 -19.22 14.85
N THR B 365 22.33 -20.45 14.32
CA THR B 365 23.04 -21.53 14.98
C THR B 365 24.54 -21.24 15.00
N ASN B 366 25.24 -21.89 15.93
CA ASN B 366 26.69 -21.72 15.99
C ASN B 366 27.39 -22.26 14.75
N GLN B 367 26.72 -23.09 13.95
CA GLN B 367 27.31 -23.47 12.68
C GLN B 367 27.24 -22.30 11.70
N ILE B 368 26.09 -21.63 11.63
CA ILE B 368 25.97 -20.44 10.79
C ILE B 368 26.93 -19.36 11.27
N THR B 369 27.04 -19.16 12.59
CA THR B 369 27.89 -18.07 13.08
C THR B 369 29.37 -18.35 12.78
N ARG B 370 29.79 -19.62 12.84
CA ARG B 370 31.17 -19.94 12.48
C ARG B 370 31.45 -19.64 11.02
N MET B 371 30.45 -19.80 10.14
CA MET B 371 30.64 -19.44 8.74
C MET B 371 30.73 -17.94 8.56
N VAL B 372 29.92 -17.17 9.31
CA VAL B 372 30.03 -15.71 9.25
C VAL B 372 31.43 -15.28 9.69
N THR B 373 31.94 -15.88 10.76
CA THR B 373 33.29 -15.55 11.24
C THR B 373 34.34 -15.92 10.22
N GLY B 374 34.26 -17.15 9.69
CA GLY B 374 35.27 -17.63 8.78
C GLY B 374 35.31 -16.86 7.47
N ARG B 375 34.14 -16.51 6.94
CA ARG B 375 34.08 -15.72 5.68
C ARG B 375 34.66 -14.32 5.94
N ALA B 376 34.36 -13.72 7.08
CA ALA B 376 34.90 -12.39 7.36
C ALA B 376 36.42 -12.41 7.45
N LEU B 377 37.00 -13.50 7.94
CA LEU B 377 38.45 -13.59 8.03
C LEU B 377 39.09 -13.98 6.72
N LEU B 378 38.47 -14.93 5.98
CA LEU B 378 39.08 -15.46 4.78
C LEU B 378 38.76 -14.63 3.53
N PHE B 379 37.66 -13.88 3.54
CA PHE B 379 37.27 -13.02 2.41
C PHE B 379 36.98 -11.61 2.91
N PRO B 380 38.00 -10.90 3.45
CA PRO B 380 37.73 -9.59 4.06
C PRO B 380 37.52 -8.47 3.03
PA FAD C . -26.51 4.61 -35.91
O1A FAD C . -26.21 4.17 -37.33
O2A FAD C . -26.79 3.58 -34.85
O5B FAD C . -27.76 5.60 -35.98
C5B FAD C . -28.14 6.29 -37.18
C4B FAD C . -29.39 7.10 -36.88
O4B FAD C . -30.48 6.19 -36.62
C3B FAD C . -29.26 7.92 -35.61
O3B FAD C . -30.03 9.10 -35.80
C2B FAD C . -29.96 7.13 -34.52
O2B FAD C . -30.51 7.99 -33.52
C1B FAD C . -31.02 6.40 -35.32
N9A FAD C . -31.39 5.11 -34.71
C8A FAD C . -30.58 4.04 -34.59
N7A FAD C . -31.23 3.02 -33.97
C5A FAD C . -32.46 3.47 -33.67
C6A FAD C . -33.65 2.90 -33.02
N6A FAD C . -33.62 1.62 -32.55
N1A FAD C . -34.75 3.69 -32.91
C2A FAD C . -34.76 4.94 -33.38
N3A FAD C . -33.72 5.53 -34.00
C4A FAD C . -32.57 4.84 -34.16
N1 FAD C . -17.98 4.54 -28.97
C2 FAD C . -17.05 3.79 -28.25
O2 FAD C . -17.16 2.55 -28.15
N3 FAD C . -15.96 4.44 -27.68
C4 FAD C . -15.81 5.81 -27.79
O4 FAD C . -14.81 6.38 -27.24
C4X FAD C . -16.83 6.59 -28.42
N5 FAD C . -16.60 7.83 -28.75
C5X FAD C . -17.26 8.47 -29.76
C6 FAD C . -16.68 9.62 -30.35
C7 FAD C . -17.18 10.10 -31.58
C7M FAD C . -16.62 11.35 -32.25
C8 FAD C . -18.23 9.43 -32.20
C8M FAD C . -18.85 9.90 -33.53
C9 FAD C . -18.80 8.29 -31.62
C9A FAD C . -18.32 7.82 -30.40
N10 FAD C . -18.81 6.66 -29.82
C10 FAD C . -17.86 5.92 -29.08
C1' FAD C . -19.88 5.90 -30.47
C2' FAD C . -21.20 6.63 -30.46
O2' FAD C . -21.78 6.62 -29.26
C3' FAD C . -22.12 6.26 -31.67
O3' FAD C . -21.88 6.85 -32.84
C4' FAD C . -23.56 6.11 -31.31
O4' FAD C . -23.59 5.12 -30.24
C5' FAD C . -24.43 5.77 -32.53
O5' FAD C . -23.82 4.84 -33.45
P FAD C . -23.86 5.15 -35.04
O1P FAD C . -23.07 6.43 -35.23
O2P FAD C . -23.47 3.96 -35.87
O3P FAD C . -25.37 5.62 -35.36
C1 GOL D . -26.21 31.74 -17.20
O1 GOL D . -25.88 32.84 -16.44
C2 GOL D . -27.40 30.98 -16.57
O2 GOL D . -27.29 29.60 -16.74
C3 GOL D . -27.43 31.40 -15.11
O3 GOL D . -28.56 30.79 -14.58
C1 GOL E . -32.92 29.26 -26.91
O1 GOL E . -31.64 28.91 -27.46
C2 GOL E . -33.86 27.96 -26.81
O2 GOL E . -34.17 27.47 -28.05
C3 GOL E . -33.09 26.90 -25.98
O3 GOL E . -33.71 25.63 -26.21
PA FAD F . 17.98 -25.46 10.64
O1A FAD F . 16.97 -26.52 10.25
O2A FAD F . 18.24 -24.33 9.69
O5B FAD F . 19.38 -26.21 10.99
C5B FAD F . 19.46 -27.62 11.29
C4B FAD F . 20.92 -27.98 11.59
O4B FAD F . 21.68 -27.86 10.38
C3B FAD F . 21.55 -27.02 12.58
O3B FAD F . 22.47 -27.76 13.40
C2B FAD F . 22.33 -26.05 11.72
O2B FAD F . 23.47 -25.47 12.36
C1B FAD F . 22.73 -26.92 10.54
N9A FAD F . 22.84 -26.08 9.33
C8A FAD F . 21.84 -25.39 8.75
N7A FAD F . 22.28 -24.73 7.66
C5A FAD F . 23.59 -24.99 7.53
C6A FAD F . 24.67 -24.63 6.59
N6A FAD F . 24.41 -23.80 5.55
N1A FAD F . 25.90 -25.13 6.82
C2A FAD F . 26.16 -25.93 7.86
N3A FAD F . 25.22 -26.32 8.76
C4A FAD F . 23.95 -25.89 8.64
N1 FAD F . 13.17 -16.51 14.62
C2 FAD F . 12.37 -15.40 14.39
O2 FAD F . 12.12 -15.03 13.22
N3 FAD F . 11.81 -14.74 15.46
C4 FAD F . 12.07 -15.14 16.76
O4 FAD F . 11.57 -14.51 17.71
C4X FAD F . 13.12 -16.07 17.00
N5 FAD F . 13.15 -16.66 18.24
C5X FAD F . 13.58 -17.94 18.44
C6 FAD F . 13.26 -18.57 19.66
C7 FAD F . 13.38 -19.96 19.78
C7M FAD F . 13.06 -20.67 21.10
C8 FAD F . 13.80 -20.72 18.67
C8M FAD F . 13.96 -22.24 18.70
C9 FAD F . 14.12 -20.11 17.46
C9A FAD F . 14.03 -18.71 17.35
N10 FAD F . 14.26 -18.06 16.14
C10 FAD F . 13.47 -16.92 15.93
C1' FAD F . 14.75 -18.77 14.96
C2' FAD F . 16.13 -19.34 15.18
O2' FAD F . 17.08 -18.43 15.05
C3' FAD F . 16.35 -20.64 14.35
O3' FAD F . 16.08 -21.79 14.95
C4' FAD F . 17.66 -20.62 13.66
O4' FAD F . 17.67 -19.44 12.85
C5' FAD F . 17.87 -21.94 12.88
O5' FAD F . 16.69 -22.41 12.24
P FAD F . 16.25 -23.98 12.33
O1P FAD F . 15.93 -24.25 13.78
O2P FAD F . 15.19 -24.28 11.29
O3P FAD F . 17.58 -24.84 12.07
C1 GOL G . 34.44 -24.25 29.40
O1 GOL G . 34.93 -24.26 28.10
C2 GOL G . 35.10 -25.43 30.15
O2 GOL G . 36.48 -25.34 30.14
C3 GOL G . 34.54 -25.34 31.62
O3 GOL G . 33.14 -25.48 31.58
#